data_7EQ1
#
_entry.id   7EQ1
#
_cell.length_a   1.00
_cell.length_b   1.00
_cell.length_c   1.00
_cell.angle_alpha   90.00
_cell.angle_beta   90.00
_cell.angle_gamma   90.00
#
_symmetry.space_group_name_H-M   'P 1'
#
loop_
_entity.id
_entity.type
_entity.pdbx_description
1 polymer 'Gs protein alpha subunit'
2 polymer 'Adhesion G-protein coupled receptor G5'
3 polymer scFv16
4 polymer 'Guanine nucleotide-binding protein G(I)/G(S)/G(O) subunit gamma-2'
5 polymer 'Guanine nucleotide-binding protein G(I)/G(S)/G(T) subunit beta-1'
#
loop_
_entity_poly.entity_id
_entity_poly.type
_entity_poly.pdbx_seq_one_letter_code
_entity_poly.pdbx_strand_id
1 'polypeptide(L)'
;MGCTLSAEDKAAVERSKMIEKQLQKDKQVYRATHRLLLLGADNSGKSTIVKQMRIYHVNGYSEEECKQYKAVVYSNTIQS
IIAIIRAMGRLKIDFGDSARADDARQLFVLAGAAEEGFMTAELAGVIKRLWKDSGVQACFNRSREYQLNDSAAYYLNDLD
RIAQPNYIPTQQDVLRTRVKTSGIFETKFQVDKVNFHMFDVGAQRDERRKWIQCFNDVTAIIFVVDSSDYNRLQEALNDF
KSIWNNRWLRTISVILFLNKQDLLAEKVLAGKSKIEDYFPEFARYTTPEDATPEPGEDPRVTRAKYFIRDEFLRISTASG
DGRHYCYPHFTCSVDTENARRIFNDCRDIIQRMHLRQYELL
;
A
2 'polypeptide(L)'
;TYFAVLMQLSPALVPAELLAPLTYISLVGCSISIVASLITVLLHFHFRKQSDSLTRIHMNLHASVLLLNIAFLLSPAFAM
SPVPGSACTALAAALHYALLSCLTWMAIEGFNLYLLLGRVYNIYIRRYVFKLGVLGWGAPALLVLLSLSVKSSVYGPCTI
PVFDSWENGTGFQNMSICWVRSPVVHSVLVMGYGGLTSLFNLVVLAWALWTLRRLRERADAPSVRACHDTVTVLGLTVLL
GTTWALAFFSFGVFLLPQLFLFTILNSLYGFFLFLWFCSQRCRSEAEAKAQIEAFSSSQTTQ
;
R
3 'polypeptide(L)'
;VQLVESGGGLVQPGGSRKLSCSASGFAFSSFGMHWVRQAPEKGLEWVAYISSGSGTIYYADTVKGRFTISRDDPKNTLFL
QMTSLRSEDTAMYYCVRSIYYYGSSPFDFWGQGTTLTVSAGGGGSGGGGSGGGGSADIVMTQATSSVPVTPGESVSISCR
SSKSLLHSNGNTYLYWFLQRPGQSPQLLIYRMSNLASGVPDRFSGSGSGTAFTLTISRLEAEDVGVYYCMQHLEYPLTFG
AGTKLEL
;
S
4 'polypeptide(L)' MASNNTASIAQARKLVEQLKMEANIDRIKVSKAAADLMAYCEAHAKEDPLLTPVPASENPFREKKFFCAIL Y
5 'polypeptide(L)'
;MGSLLQSELDQLRQEAEQLKNQIRDARKACADATLSQITNNIDPVGRIQMRTRRTLRGHLAKIYAMHWGTDSRLLVSASQ
DGKLIIWDSYTTNKVHAIPLRSSWVMTCAYAPSGNYVACGGLDNICSIYNLKTREGNVRVSRELAGHTGYLSCCRFLDDN
QIVTSSGDTTCALWDIETGQQTTTFTGHTGDVMSLSLAPDTRLFVSGACDASAKLWDVREGMCRQTFTGHESDINAICFF
PNGNAFATGSDDATCRLFDLRADQELMTYSHDNIICGITSVSFSKSGRLLLAGYDDFNCNVWDALKADRAGVLAGHDNRV
SCLGVTDDGMAVATGSWDSFLKIWN
;
B
#
# COMPACT_ATOMS: atom_id res chain seq x y z
N CYS A 3 -3.91 27.85 -14.68
CA CYS A 3 -3.20 26.59 -14.53
C CYS A 3 -3.23 25.79 -15.84
N THR A 4 -3.25 24.46 -15.71
CA THR A 4 -3.28 23.58 -16.86
C THR A 4 -4.41 22.57 -16.83
N LEU A 5 -5.23 22.55 -15.78
CA LEU A 5 -6.30 21.58 -15.63
C LEU A 5 -7.54 22.26 -15.07
N SER A 6 -8.70 21.70 -15.40
CA SER A 6 -9.98 22.36 -15.16
C SER A 6 -10.29 22.44 -13.67
N ALA A 7 -11.35 23.19 -13.36
CA ALA A 7 -11.76 23.39 -11.97
C ALA A 7 -12.19 22.07 -11.33
N GLU A 8 -12.93 21.25 -12.07
CA GLU A 8 -13.35 19.96 -11.54
C GLU A 8 -12.16 19.08 -11.23
N ASP A 9 -11.13 19.12 -12.07
CA ASP A 9 -9.93 18.36 -11.79
C ASP A 9 -9.18 18.91 -10.58
N LYS A 10 -9.20 20.22 -10.39
CA LYS A 10 -8.61 20.81 -9.17
C LYS A 10 -9.33 20.28 -7.93
N ALA A 11 -10.65 20.25 -7.97
CA ALA A 11 -11.40 19.75 -6.82
C ALA A 11 -11.20 18.25 -6.62
N ALA A 12 -11.03 17.50 -7.72
CA ALA A 12 -10.71 16.08 -7.60
C ALA A 12 -9.35 15.87 -6.96
N VAL A 13 -8.37 16.70 -7.33
CA VAL A 13 -7.06 16.62 -6.70
C VAL A 13 -7.13 16.98 -5.23
N GLU A 14 -7.99 17.94 -4.88
CA GLU A 14 -8.18 18.26 -3.46
C GLU A 14 -8.79 17.09 -2.71
N ARG A 15 -9.76 16.41 -3.34
CA ARG A 15 -10.35 15.22 -2.73
C ARG A 15 -9.29 14.13 -2.53
N SER A 16 -8.43 13.95 -3.52
CA SER A 16 -7.34 12.98 -3.38
C SER A 16 -6.39 13.38 -2.25
N LYS A 17 -6.13 14.67 -2.11
CA LYS A 17 -5.27 15.14 -1.02
C LYS A 17 -5.91 14.87 0.33
N MET A 18 -7.22 15.08 0.45
CA MET A 18 -7.91 14.76 1.70
C MET A 18 -7.85 13.26 1.99
N ILE A 19 -8.01 12.43 0.96
CA ILE A 19 -7.91 11.00 1.15
C ILE A 19 -6.51 10.61 1.61
N GLU A 20 -5.48 11.22 1.01
CA GLU A 20 -4.12 10.95 1.44
C GLU A 20 -3.86 11.44 2.86
N LYS A 21 -4.53 12.51 3.27
CA LYS A 21 -4.43 12.97 4.64
C LYS A 21 -5.02 11.94 5.61
N GLN A 22 -6.18 11.38 5.27
CA GLN A 22 -6.76 10.33 6.10
C GLN A 22 -5.87 9.10 6.12
N LEU A 23 -5.27 8.76 4.98
CA LEU A 23 -4.34 7.64 4.91
C LEU A 23 -3.12 7.88 5.79
N GLN A 24 -2.61 9.12 5.81
CA GLN A 24 -1.50 9.44 6.69
C GLN A 24 -1.92 9.33 8.15
N LYS A 25 -3.14 9.77 8.48
CA LYS A 25 -3.60 9.70 9.86
C LYS A 25 -3.71 8.26 10.34
N ASP A 26 -4.25 7.36 9.52
CA ASP A 26 -4.39 5.99 10.01
C ASP A 26 -3.16 5.13 9.74
N LYS A 27 -2.18 5.62 8.97
CA LYS A 27 -0.90 4.94 8.90
C LYS A 27 -0.19 4.94 10.23
N GLN A 28 -0.34 6.01 11.01
CA GLN A 28 0.22 6.04 12.35
C GLN A 28 -0.37 4.94 13.21
N VAL A 29 -1.68 4.76 13.16
CA VAL A 29 -2.33 3.71 13.92
C VAL A 29 -1.87 2.34 13.44
N TYR A 30 -1.75 2.17 12.12
CA TYR A 30 -1.29 0.89 11.58
C TYR A 30 0.11 0.56 12.03
N ARG A 31 1.02 1.54 12.02
CA ARG A 31 2.40 1.27 12.39
C ARG A 31 2.56 1.11 13.90
N ALA A 32 1.74 1.80 14.69
CA ALA A 32 1.83 1.66 16.14
C ALA A 32 1.31 0.30 16.60
N THR A 33 0.21 -0.15 16.02
CA THR A 33 -0.35 -1.44 16.39
C THR A 33 0.55 -2.57 15.89
N HIS A 34 0.66 -3.62 16.71
CA HIS A 34 1.45 -4.80 16.37
C HIS A 34 0.50 -5.96 16.14
N ARG A 35 0.37 -6.38 14.89
CA ARG A 35 -0.53 -7.46 14.55
C ARG A 35 -0.01 -8.78 15.10
N LEU A 36 -0.89 -9.53 15.74
CA LEU A 36 -0.53 -10.80 16.38
C LEU A 36 -1.47 -11.89 15.88
N LEU A 37 -0.89 -13.01 15.46
CA LEU A 37 -1.70 -14.17 15.10
C LEU A 37 -1.85 -15.07 16.32
N LEU A 38 -3.00 -15.74 16.41
CA LEU A 38 -3.27 -16.66 17.51
C LEU A 38 -3.73 -17.99 16.95
N LEU A 39 -3.05 -19.07 17.33
CA LEU A 39 -3.35 -20.39 16.84
C LEU A 39 -3.39 -21.37 18.00
N GLY A 40 -4.14 -22.45 17.81
CA GLY A 40 -4.25 -23.48 18.81
C GLY A 40 -5.35 -24.47 18.50
N ALA A 41 -5.32 -25.62 19.18
CA ALA A 41 -6.33 -26.64 18.94
C ALA A 41 -7.64 -26.26 19.64
N ASP A 42 -8.66 -27.09 19.43
CA ASP A 42 -9.96 -26.83 20.05
C ASP A 42 -9.88 -26.88 21.57
N ASN A 43 -9.17 -27.86 22.11
CA ASN A 43 -9.08 -28.00 23.56
C ASN A 43 -8.28 -26.87 24.19
N SER A 44 -7.29 -26.34 23.47
CA SER A 44 -6.52 -25.22 23.99
C SER A 44 -7.43 -24.02 24.22
N GLY A 45 -7.28 -23.39 25.37
CA GLY A 45 -8.20 -22.34 25.77
C GLY A 45 -7.85 -20.96 25.28
N LYS A 46 -7.62 -20.81 23.97
CA LYS A 46 -7.39 -19.49 23.43
C LYS A 46 -8.62 -18.62 23.55
N SER A 47 -9.81 -19.20 23.34
CA SER A 47 -11.05 -18.46 23.52
C SER A 47 -11.21 -18.01 24.96
N THR A 48 -10.73 -18.80 25.92
CA THR A 48 -10.74 -18.37 27.31
C THR A 48 -9.75 -17.24 27.57
N ILE A 49 -8.56 -17.29 26.96
CA ILE A 49 -7.57 -16.24 27.17
C ILE A 49 -8.06 -14.92 26.62
N VAL A 50 -8.60 -14.93 25.39
CA VAL A 50 -8.97 -13.70 24.70
C VAL A 50 -10.19 -13.06 25.35
N LYS A 51 -10.76 -13.73 26.34
CA LYS A 51 -11.82 -13.16 27.16
C LYS A 51 -11.38 -12.85 28.58
N GLN A 52 -10.40 -13.57 29.12
CA GLN A 52 -9.92 -13.28 30.47
C GLN A 52 -9.02 -12.07 30.49
N MET A 53 -8.31 -11.77 29.40
CA MET A 53 -7.48 -10.58 29.40
C MET A 53 -8.27 -9.31 29.18
N ARG A 54 -9.57 -9.42 28.85
CA ARG A 54 -10.37 -8.23 28.57
C ARG A 54 -10.74 -7.50 29.86
N ILE A 55 -10.78 -8.20 31.00
CA ILE A 55 -11.10 -7.54 32.26
C ILE A 55 -10.04 -6.50 32.60
N TYR A 56 -8.76 -6.86 32.43
CA TYR A 56 -7.69 -5.91 32.69
C TYR A 56 -7.66 -4.78 31.65
N HIS A 57 -8.29 -4.97 30.50
CA HIS A 57 -8.29 -3.96 29.45
C HIS A 57 -9.71 -3.53 29.09
N VAL A 179 -22.03 -13.58 11.32
CA VAL A 179 -21.26 -13.63 12.56
C VAL A 179 -21.20 -15.08 13.04
N LYS A 180 -22.21 -15.87 12.68
CA LYS A 180 -22.25 -17.27 13.09
C LYS A 180 -21.07 -18.04 12.52
N THR A 181 -20.73 -17.81 11.25
CA THR A 181 -19.63 -18.47 10.58
C THR A 181 -18.47 -17.52 10.33
N SER A 182 -18.28 -16.54 11.21
CA SER A 182 -17.21 -15.56 11.05
C SER A 182 -15.85 -16.24 11.14
N GLY A 183 -14.89 -15.74 10.36
CA GLY A 183 -13.59 -16.37 10.28
C GLY A 183 -12.56 -15.82 11.24
N ILE A 184 -12.42 -14.49 11.27
CA ILE A 184 -11.41 -13.84 12.11
C ILE A 184 -12.11 -13.12 13.24
N PHE A 185 -11.70 -13.41 14.47
CA PHE A 185 -12.11 -12.68 15.65
C PHE A 185 -10.96 -11.80 16.11
N GLU A 186 -11.23 -10.51 16.27
CA GLU A 186 -10.20 -9.54 16.61
C GLU A 186 -10.31 -9.15 18.08
N THR A 187 -9.17 -9.15 18.77
CA THR A 187 -9.08 -8.72 20.15
C THR A 187 -8.09 -7.56 20.25
N LYS A 188 -8.49 -6.52 20.96
CA LYS A 188 -7.69 -5.31 21.13
C LYS A 188 -7.30 -5.17 22.60
N PHE A 189 -6.02 -4.89 22.84
CA PHE A 189 -5.56 -4.59 24.19
C PHE A 189 -4.26 -3.81 24.10
N GLN A 190 -4.07 -2.90 25.04
CA GLN A 190 -2.84 -2.11 25.09
C GLN A 190 -2.16 -2.30 26.42
N VAL A 191 -0.83 -2.45 26.37
CA VAL A 191 0.01 -2.53 27.55
C VAL A 191 1.02 -1.40 27.49
N ASP A 192 1.10 -0.62 28.55
CA ASP A 192 2.03 0.52 28.63
C ASP A 192 1.90 1.44 27.43
N LYS A 193 0.65 1.74 27.06
CA LYS A 193 0.34 2.63 25.94
C LYS A 193 0.88 2.10 24.62
N VAL A 194 0.99 0.78 24.49
CA VAL A 194 1.34 0.13 23.24
C VAL A 194 0.22 -0.87 22.91
N ASN A 195 -0.43 -0.66 21.78
CA ASN A 195 -1.65 -1.39 21.44
C ASN A 195 -1.37 -2.53 20.48
N PHE A 196 -2.03 -3.66 20.73
CA PHE A 196 -1.87 -4.88 19.96
C PHE A 196 -3.18 -5.21 19.25
N HIS A 197 -3.15 -6.28 18.47
CA HIS A 197 -4.32 -6.70 17.70
C HIS A 197 -4.17 -8.19 17.45
N MET A 198 -4.84 -9.00 18.28
CA MET A 198 -4.77 -10.45 18.16
C MET A 198 -5.88 -10.94 17.26
N PHE A 199 -5.54 -11.83 16.33
CA PHE A 199 -6.51 -12.39 15.39
C PHE A 199 -6.62 -13.89 15.60
N ASP A 200 -7.84 -14.35 15.84
CA ASP A 200 -8.13 -15.77 16.02
C ASP A 200 -8.89 -16.28 14.80
N VAL A 201 -8.45 -17.43 14.28
CA VAL A 201 -9.06 -18.03 13.09
C VAL A 201 -9.97 -19.16 13.55
N GLY A 202 -11.26 -19.03 13.28
CA GLY A 202 -12.23 -19.91 13.89
C GLY A 202 -13.09 -20.78 12.99
N ALA A 203 -13.38 -20.33 11.78
CA ALA A 203 -14.36 -21.00 10.92
C ALA A 203 -13.77 -21.32 9.56
N GLN A 204 -12.59 -21.90 9.55
CA GLN A 204 -11.94 -22.32 8.31
C GLN A 204 -11.73 -23.83 8.33
N ARG A 205 -11.26 -24.36 7.21
CA ARG A 205 -11.05 -25.79 7.06
C ARG A 205 -9.76 -26.21 7.77
N ASP A 206 -9.46 -27.51 7.69
CA ASP A 206 -8.27 -28.03 8.35
C ASP A 206 -6.99 -27.58 7.66
N GLU A 207 -7.00 -27.46 6.34
CA GLU A 207 -5.82 -27.08 5.58
C GLU A 207 -5.62 -25.58 5.65
N ARG A 208 -4.58 -25.14 6.35
CA ARG A 208 -4.23 -23.74 6.49
C ARG A 208 -3.06 -23.34 5.60
N ARG A 209 -2.77 -24.15 4.58
CA ARG A 209 -1.61 -23.89 3.73
C ARG A 209 -1.74 -22.58 2.96
N LYS A 210 -2.97 -22.19 2.60
CA LYS A 210 -3.15 -21.08 1.67
C LYS A 210 -3.33 -19.74 2.35
N TRP A 211 -4.23 -19.66 3.34
CA TRP A 211 -4.52 -18.36 3.92
C TRP A 211 -3.45 -17.87 4.89
N ILE A 212 -2.64 -18.76 5.45
CA ILE A 212 -1.68 -18.34 6.48
C ILE A 212 -0.61 -17.44 5.89
N GLN A 213 -0.43 -17.47 4.57
CA GLN A 213 0.51 -16.56 3.93
C GLN A 213 0.11 -15.10 4.09
N CYS A 214 -1.15 -14.83 4.45
CA CYS A 214 -1.56 -13.46 4.73
C CYS A 214 -0.92 -12.93 6.01
N PHE A 215 -0.31 -13.79 6.81
CA PHE A 215 0.33 -13.41 8.06
C PHE A 215 1.85 -13.46 7.94
N ASN A 216 2.37 -13.03 6.80
CA ASN A 216 3.81 -12.95 6.59
C ASN A 216 4.44 -11.75 7.28
N ASP A 217 3.65 -10.81 7.78
CA ASP A 217 4.17 -9.60 8.40
C ASP A 217 3.68 -9.39 9.83
N VAL A 218 3.10 -10.43 10.43
CA VAL A 218 2.64 -10.29 11.82
C VAL A 218 3.83 -10.31 12.76
N THR A 219 3.73 -9.53 13.83
CA THR A 219 4.83 -9.43 14.79
C THR A 219 5.11 -10.77 15.47
N ALA A 220 4.06 -11.48 15.87
CA ALA A 220 4.26 -12.71 16.61
C ALA A 220 3.09 -13.66 16.38
N ILE A 221 3.36 -14.95 16.60
CA ILE A 221 2.36 -16.00 16.57
C ILE A 221 2.26 -16.60 17.97
N ILE A 222 1.05 -16.67 18.49
CA ILE A 222 0.80 -17.20 19.83
C ILE A 222 0.20 -18.58 19.64
N PHE A 223 1.01 -19.61 19.84
CA PHE A 223 0.59 -20.99 19.71
C PHE A 223 0.21 -21.49 21.10
N VAL A 224 -1.07 -21.80 21.30
CA VAL A 224 -1.58 -22.22 22.60
C VAL A 224 -1.80 -23.72 22.57
N VAL A 225 -1.20 -24.42 23.54
CA VAL A 225 -1.20 -25.88 23.59
C VAL A 225 -1.84 -26.33 24.88
N ASP A 226 -2.79 -27.25 24.78
CA ASP A 226 -3.41 -27.86 25.95
C ASP A 226 -2.48 -28.92 26.52
N SER A 227 -1.91 -28.66 27.68
CA SER A 227 -1.04 -29.62 28.35
C SER A 227 -1.78 -30.55 29.27
N SER A 228 -3.08 -30.32 29.51
CA SER A 228 -3.85 -31.21 30.36
C SER A 228 -4.00 -32.59 29.73
N ASP A 229 -4.44 -32.63 28.48
CA ASP A 229 -4.59 -33.91 27.78
C ASP A 229 -3.25 -34.42 27.28
N TYR A 230 -2.98 -35.69 27.55
CA TYR A 230 -1.73 -36.31 27.13
C TYR A 230 -1.82 -36.87 25.72
N ASN A 231 -2.94 -37.50 25.39
CA ASN A 231 -3.19 -37.90 24.02
C ASN A 231 -3.40 -36.66 23.15
N ARG A 232 -3.16 -36.82 21.86
CA ARG A 232 -3.20 -35.74 20.87
C ARG A 232 -2.23 -34.61 21.21
N LEU A 233 -1.28 -34.86 22.10
CA LEU A 233 -0.17 -33.93 22.26
C LEU A 233 0.84 -34.09 21.14
N GLN A 234 0.95 -35.30 20.58
CA GLN A 234 1.81 -35.53 19.43
C GLN A 234 1.30 -34.77 18.21
N GLU A 235 -0.02 -34.72 18.01
CA GLU A 235 -0.55 -33.94 16.90
C GLU A 235 -0.40 -32.44 17.15
N ALA A 236 -0.42 -32.01 18.41
CA ALA A 236 -0.11 -30.63 18.71
C ALA A 236 1.35 -30.31 18.38
N LEU A 237 2.25 -31.24 18.69
CA LEU A 237 3.64 -31.09 18.29
C LEU A 237 3.77 -31.00 16.78
N ASN A 238 3.02 -31.84 16.06
CA ASN A 238 3.06 -31.82 14.60
C ASN A 238 2.53 -30.50 14.05
N ASP A 239 1.47 -29.97 14.66
CA ASP A 239 0.94 -28.67 14.25
C ASP A 239 1.96 -27.57 14.48
N PHE A 240 2.64 -27.59 15.63
CA PHE A 240 3.69 -26.61 15.89
C PHE A 240 4.83 -26.75 14.89
N LYS A 241 5.17 -27.97 14.53
CA LYS A 241 6.21 -28.20 13.53
C LYS A 241 5.81 -27.65 12.17
N SER A 242 4.55 -27.85 11.79
CA SER A 242 4.06 -27.32 10.52
C SER A 242 4.07 -25.80 10.53
N ILE A 243 3.69 -25.19 11.65
CA ILE A 243 3.74 -23.74 11.78
C ILE A 243 5.18 -23.25 11.68
N TRP A 244 6.11 -23.94 12.33
CA TRP A 244 7.49 -23.49 12.39
C TRP A 244 8.18 -23.55 11.03
N ASN A 245 7.97 -24.65 10.30
CA ASN A 245 8.69 -24.89 9.06
C ASN A 245 7.98 -24.31 7.83
N ASN A 246 6.87 -23.60 8.02
CA ASN A 246 6.17 -23.00 6.90
C ASN A 246 7.06 -21.95 6.24
N ARG A 247 7.04 -21.93 4.90
CA ARG A 247 7.88 -20.99 4.17
C ARG A 247 7.48 -19.55 4.46
N TRP A 248 6.18 -19.26 4.46
CA TRP A 248 5.73 -17.90 4.73
C TRP A 248 5.97 -17.50 6.17
N LEU A 249 5.85 -18.44 7.10
CA LEU A 249 5.97 -18.15 8.52
C LEU A 249 7.41 -18.09 8.99
N ARG A 250 8.37 -18.37 8.11
CA ARG A 250 9.77 -18.13 8.44
C ARG A 250 9.98 -16.65 8.72
N THR A 251 10.95 -16.35 9.58
CA THR A 251 11.25 -15.02 10.10
C THR A 251 10.12 -14.47 10.96
N ILE A 252 9.23 -15.33 11.44
CA ILE A 252 8.18 -14.94 12.37
C ILE A 252 8.32 -15.82 13.61
N SER A 253 8.43 -15.18 14.77
CA SER A 253 8.64 -15.91 16.02
C SER A 253 7.33 -16.46 16.53
N VAL A 254 7.43 -17.26 17.60
CA VAL A 254 6.27 -17.91 18.21
C VAL A 254 6.36 -17.71 19.72
N ILE A 255 5.30 -17.17 20.31
CA ILE A 255 5.18 -17.06 21.76
C ILE A 255 4.34 -18.25 22.21
N LEU A 256 5.01 -19.36 22.47
CA LEU A 256 4.32 -20.59 22.82
C LEU A 256 3.77 -20.52 24.23
N PHE A 257 2.49 -20.87 24.39
CA PHE A 257 1.80 -20.83 25.67
C PHE A 257 1.28 -22.23 25.98
N LEU A 258 1.88 -22.87 26.98
CA LEU A 258 1.36 -24.14 27.47
C LEU A 258 0.24 -23.82 28.46
N ASN A 259 -0.99 -23.81 27.96
CA ASN A 259 -2.11 -23.27 28.69
C ASN A 259 -2.72 -24.32 29.62
N LYS A 260 -3.47 -23.84 30.61
CA LYS A 260 -4.15 -24.66 31.60
C LYS A 260 -3.18 -25.63 32.27
N GLN A 261 -2.18 -25.06 32.93
CA GLN A 261 -1.28 -25.84 33.76
C GLN A 261 -1.96 -26.31 35.04
N ASP A 262 -3.04 -25.64 35.46
CA ASP A 262 -3.78 -26.09 36.63
C ASP A 262 -4.33 -27.49 36.43
N LEU A 263 -4.87 -27.76 35.25
CA LEU A 263 -5.39 -29.09 34.96
C LEU A 263 -4.28 -30.13 34.95
N LEU A 264 -3.11 -29.78 34.42
CA LEU A 264 -1.98 -30.71 34.45
C LEU A 264 -1.55 -31.01 35.88
N ALA A 265 -1.47 -29.97 36.72
CA ALA A 265 -1.09 -30.18 38.11
C ALA A 265 -2.12 -31.03 38.84
N GLU A 266 -3.41 -30.82 38.55
CA GLU A 266 -4.45 -31.65 39.16
C GLU A 266 -4.33 -33.10 38.68
N LYS A 267 -4.06 -33.30 37.40
CA LYS A 267 -4.08 -34.65 36.84
C LYS A 267 -2.87 -35.46 37.28
N VAL A 268 -1.70 -34.83 37.39
CA VAL A 268 -0.52 -35.58 37.82
C VAL A 268 -0.66 -36.04 39.26
N LEU A 269 -1.43 -35.32 40.07
CA LEU A 269 -1.75 -35.77 41.42
C LEU A 269 -2.96 -36.69 41.48
N ALA A 270 -3.79 -36.69 40.43
CA ALA A 270 -4.92 -37.61 40.40
C ALA A 270 -4.46 -39.06 40.34
N GLY A 271 -3.44 -39.35 39.53
CA GLY A 271 -2.89 -40.68 39.45
C GLY A 271 -3.60 -41.64 38.54
N LYS A 272 -4.63 -41.18 37.81
CA LYS A 272 -5.36 -42.05 36.90
C LYS A 272 -4.58 -42.36 35.63
N SER A 273 -3.81 -41.41 35.13
CA SER A 273 -3.07 -41.56 33.89
C SER A 273 -1.59 -41.25 34.11
N LYS A 274 -0.74 -41.87 33.31
CA LYS A 274 0.70 -41.77 33.44
C LYS A 274 1.31 -41.22 32.15
N ILE A 275 2.40 -40.45 32.31
CA ILE A 275 3.11 -39.93 31.15
C ILE A 275 3.74 -41.06 30.36
N GLU A 276 4.30 -42.06 31.04
CA GLU A 276 5.06 -43.12 30.36
C GLU A 276 4.19 -43.91 29.39
N ASP A 277 2.88 -43.91 29.57
CA ASP A 277 2.00 -44.60 28.63
C ASP A 277 2.04 -43.94 27.25
N TYR A 278 2.10 -42.61 27.22
CA TYR A 278 2.11 -41.88 25.95
C TYR A 278 3.51 -41.54 25.48
N PHE A 279 4.40 -41.17 26.39
CA PHE A 279 5.76 -40.78 26.04
C PHE A 279 6.76 -41.67 26.75
N PRO A 280 7.69 -42.31 26.03
CA PRO A 280 8.60 -43.25 26.67
C PRO A 280 9.86 -42.60 27.24
N GLU A 281 10.16 -41.38 26.80
CA GLU A 281 11.37 -40.68 27.21
C GLU A 281 11.21 -39.91 28.52
N PHE A 282 10.03 -39.95 29.13
CA PHE A 282 9.84 -39.24 30.39
C PHE A 282 10.66 -39.88 31.51
N ALA A 283 10.73 -41.21 31.54
CA ALA A 283 11.52 -41.88 32.57
C ALA A 283 13.00 -41.57 32.45
N ARG A 284 13.49 -41.37 31.22
CA ARG A 284 14.88 -41.02 30.98
C ARG A 284 15.10 -39.52 30.94
N TYR A 285 14.26 -38.74 31.63
CA TYR A 285 14.33 -37.29 31.61
C TYR A 285 14.27 -36.77 33.05
N THR A 286 15.41 -36.29 33.55
CA THR A 286 15.42 -35.59 34.83
C THR A 286 15.04 -34.13 34.63
N THR A 287 14.70 -33.47 35.73
CA THR A 287 14.30 -32.08 35.66
C THR A 287 15.46 -31.22 35.16
N PRO A 288 15.19 -30.25 34.30
CA PRO A 288 16.27 -29.37 33.82
C PRO A 288 16.81 -28.49 34.94
N GLU A 289 18.11 -28.18 34.84
CA GLU A 289 18.76 -27.40 35.88
C GLU A 289 18.37 -25.93 35.83
N ASP A 290 17.88 -25.44 34.69
CA ASP A 290 17.50 -24.04 34.54
C ASP A 290 16.08 -23.77 35.01
N ALA A 291 15.36 -24.79 35.48
CA ALA A 291 14.00 -24.60 35.94
C ALA A 291 13.96 -23.72 37.17
N THR A 292 12.95 -22.86 37.26
CA THR A 292 12.74 -21.97 38.39
C THR A 292 11.30 -22.07 38.87
N PRO A 293 10.91 -23.23 39.39
CA PRO A 293 9.52 -23.42 39.80
C PRO A 293 9.27 -22.93 41.22
N GLU A 294 7.99 -22.64 41.49
CA GLU A 294 7.59 -22.25 42.82
C GLU A 294 7.76 -23.41 43.78
N PRO A 295 8.40 -23.20 44.93
CA PRO A 295 8.69 -24.32 45.84
C PRO A 295 7.44 -25.00 46.38
N GLY A 296 6.28 -24.35 46.34
CA GLY A 296 5.06 -24.95 46.87
C GLY A 296 4.56 -26.14 46.07
N GLU A 297 4.94 -26.24 44.80
CA GLU A 297 4.49 -27.34 43.97
C GLU A 297 5.36 -28.57 44.17
N ASP A 298 4.76 -29.73 43.90
CA ASP A 298 5.47 -31.00 44.04
C ASP A 298 6.61 -31.06 43.04
N PRO A 299 7.84 -31.38 43.47
CA PRO A 299 8.96 -31.46 42.51
C PRO A 299 8.78 -32.51 41.43
N ARG A 300 7.89 -33.48 41.61
CA ARG A 300 7.62 -34.43 40.54
C ARG A 300 6.66 -33.87 39.49
N VAL A 301 5.92 -32.81 39.82
CA VAL A 301 5.06 -32.17 38.84
C VAL A 301 5.88 -31.43 37.79
N THR A 302 6.90 -30.70 38.24
CA THR A 302 7.69 -29.90 37.32
C THR A 302 8.45 -30.76 36.31
N ARG A 303 8.68 -32.04 36.62
CA ARG A 303 9.29 -32.93 35.66
C ARG A 303 8.44 -33.01 34.39
N ALA A 304 7.15 -33.35 34.54
CA ALA A 304 6.27 -33.38 33.38
C ALA A 304 5.96 -31.98 32.86
N LYS A 305 5.97 -30.99 33.74
CA LYS A 305 5.69 -29.62 33.30
C LYS A 305 6.75 -29.13 32.33
N TYR A 306 8.02 -29.44 32.59
CA TYR A 306 9.10 -29.05 31.71
C TYR A 306 9.38 -30.07 30.61
N PHE A 307 8.87 -31.30 30.73
CA PHE A 307 9.03 -32.26 29.64
C PHE A 307 8.33 -31.77 28.38
N ILE A 308 7.12 -31.23 28.51
CA ILE A 308 6.39 -30.72 27.35
C ILE A 308 7.14 -29.54 26.73
N ARG A 309 7.66 -28.65 27.58
CA ARG A 309 8.43 -27.52 27.10
C ARG A 309 9.67 -27.98 26.33
N ASP A 310 10.36 -29.00 26.86
CA ASP A 310 11.52 -29.54 26.16
C ASP A 310 11.12 -30.15 24.83
N GLU A 311 9.99 -30.87 24.80
CA GLU A 311 9.54 -31.50 23.57
C GLU A 311 9.26 -30.45 22.49
N PHE A 312 8.60 -29.36 22.86
CA PHE A 312 8.36 -28.29 21.89
C PHE A 312 9.64 -27.55 21.53
N LEU A 313 10.56 -27.39 22.49
CA LEU A 313 11.76 -26.63 22.22
C LEU A 313 12.73 -27.39 21.32
N ARG A 314 12.67 -28.72 21.31
CA ARG A 314 13.45 -29.47 20.32
C ARG A 314 13.02 -29.10 18.92
N ILE A 315 11.71 -29.03 18.67
CA ILE A 315 11.21 -28.62 17.37
C ILE A 315 11.58 -27.16 17.10
N SER A 316 11.54 -26.33 18.13
CA SER A 316 11.90 -24.92 17.97
C SER A 316 13.36 -24.77 17.53
N THR A 317 14.27 -25.49 18.16
CA THR A 317 15.70 -25.35 17.91
C THR A 317 16.21 -26.25 16.80
N ALA A 318 15.35 -27.11 16.24
CA ALA A 318 15.80 -27.98 15.16
C ALA A 318 16.21 -27.16 13.93
N SER A 319 15.44 -26.14 13.58
CA SER A 319 15.71 -25.35 12.38
C SER A 319 15.48 -23.86 12.60
N GLY A 320 15.71 -23.37 13.81
CA GLY A 320 15.57 -21.95 14.07
C GLY A 320 16.56 -21.13 13.27
N ASP A 321 17.85 -21.29 13.56
CA ASP A 321 18.92 -20.72 12.76
C ASP A 321 18.89 -19.19 12.71
N GLY A 322 18.31 -18.56 13.73
CA GLY A 322 18.47 -17.14 13.97
C GLY A 322 17.41 -16.24 13.39
N ARG A 323 16.62 -16.70 12.42
CA ARG A 323 15.56 -15.84 11.89
C ARG A 323 14.40 -15.70 12.87
N HIS A 324 14.09 -16.73 13.63
CA HIS A 324 13.01 -16.64 14.60
C HIS A 324 13.27 -17.58 15.75
N TYR A 325 12.61 -17.30 16.88
CA TYR A 325 12.79 -18.04 18.11
C TYR A 325 11.44 -18.31 18.74
N CYS A 326 11.38 -19.37 19.55
CA CYS A 326 10.22 -19.65 20.36
C CYS A 326 10.42 -19.09 21.76
N TYR A 327 9.32 -18.65 22.37
CA TYR A 327 9.32 -18.01 23.68
C TYR A 327 8.35 -18.77 24.58
N PRO A 328 8.80 -19.86 25.18
CA PRO A 328 7.89 -20.69 25.98
C PRO A 328 7.37 -19.97 27.20
N HIS A 329 6.15 -20.32 27.58
CA HIS A 329 5.53 -19.85 28.82
C HIS A 329 4.60 -20.93 29.33
N PHE A 330 4.23 -20.81 30.59
CA PHE A 330 3.20 -21.65 31.20
C PHE A 330 2.07 -20.75 31.68
N THR A 331 0.86 -21.03 31.23
CA THR A 331 -0.30 -20.19 31.53
C THR A 331 -1.39 -21.04 32.16
N CYS A 332 -1.94 -20.54 33.27
CA CYS A 332 -3.04 -21.21 33.94
C CYS A 332 -4.37 -20.68 33.38
N SER A 333 -5.47 -20.96 34.08
CA SER A 333 -6.78 -20.57 33.58
C SER A 333 -6.88 -19.07 33.34
N VAL A 334 -6.73 -18.28 34.40
CA VAL A 334 -6.85 -16.83 34.32
C VAL A 334 -5.50 -16.14 34.44
N ASP A 335 -4.72 -16.48 35.46
CA ASP A 335 -3.38 -15.95 35.76
C ASP A 335 -3.40 -14.48 36.14
N THR A 336 -4.54 -13.80 36.04
CA THR A 336 -4.74 -12.41 36.47
C THR A 336 -3.92 -11.46 35.60
N GLU A 337 -3.06 -12.01 34.74
CA GLU A 337 -2.23 -11.23 33.84
C GLU A 337 -1.60 -12.16 32.82
N ASN A 338 -1.72 -11.82 31.54
CA ASN A 338 -1.08 -12.61 30.50
C ASN A 338 -0.57 -11.72 29.38
N ALA A 339 -0.81 -10.41 29.46
CA ALA A 339 -0.43 -9.50 28.39
C ALA A 339 0.96 -8.91 28.57
N ARG A 340 1.50 -8.89 29.79
CA ARG A 340 2.85 -8.39 29.99
C ARG A 340 3.89 -9.34 29.43
N ARG A 341 3.62 -10.65 29.48
CA ARG A 341 4.50 -11.61 28.83
C ARG A 341 4.58 -11.34 27.33
N ILE A 342 3.42 -11.10 26.71
CA ILE A 342 3.40 -10.78 25.29
C ILE A 342 4.10 -9.45 25.03
N PHE A 343 3.92 -8.48 25.93
CA PHE A 343 4.59 -7.19 25.79
C PHE A 343 6.10 -7.36 25.75
N ASN A 344 6.65 -8.07 26.74
CA ASN A 344 8.10 -8.28 26.81
C ASN A 344 8.59 -9.08 25.61
N ASP A 345 7.87 -10.14 25.26
CA ASP A 345 8.31 -11.01 24.18
C ASP A 345 8.31 -10.26 22.85
N CYS A 346 7.25 -9.51 22.56
CA CYS A 346 7.21 -8.71 21.34
C CYS A 346 8.25 -7.61 21.35
N ARG A 347 8.56 -7.05 22.53
CA ARG A 347 9.65 -6.09 22.60
C ARG A 347 10.97 -6.74 22.17
N ASP A 348 11.23 -7.94 22.66
CA ASP A 348 12.43 -8.66 22.24
C ASP A 348 12.42 -8.96 20.75
N ILE A 349 11.27 -9.38 20.23
CA ILE A 349 11.18 -9.75 18.81
C ILE A 349 11.43 -8.53 17.93
N ILE A 350 10.80 -7.40 18.25
CA ILE A 350 11.00 -6.19 17.46
C ILE A 350 12.42 -5.66 17.62
N GLN A 351 13.00 -5.81 18.82
CA GLN A 351 14.39 -5.41 19.02
C GLN A 351 15.33 -6.20 18.14
N ARG A 352 15.13 -7.52 18.05
CA ARG A 352 15.96 -8.34 17.17
C ARG A 352 15.71 -8.00 15.71
N MET A 353 14.46 -7.73 15.34
CA MET A 353 14.16 -7.34 13.97
C MET A 353 14.87 -6.06 13.59
N HIS A 354 14.89 -5.08 14.49
CA HIS A 354 15.60 -3.83 14.24
C HIS A 354 17.10 -4.05 14.19
N LEU A 355 17.63 -4.89 15.09
CA LEU A 355 19.05 -5.17 15.11
C LEU A 355 19.51 -5.89 13.83
N ARG A 356 18.60 -6.62 13.19
CA ARG A 356 18.96 -7.28 11.94
C ARG A 356 19.33 -6.30 10.83
N GLN A 357 18.98 -5.02 10.98
CA GLN A 357 19.38 -4.03 10.01
C GLN A 357 20.85 -3.67 10.09
N TYR A 358 21.51 -3.97 11.22
CA TYR A 358 22.92 -3.70 11.41
C TYR A 358 23.77 -4.96 11.45
N GLU A 359 23.19 -6.13 11.13
CA GLU A 359 23.82 -7.39 11.50
C GLU A 359 25.10 -7.64 10.72
N LEU A 360 25.14 -7.26 9.45
CA LEU A 360 26.29 -7.54 8.58
C LEU A 360 26.67 -9.01 8.61
N THR B 1 48.26 19.93 3.65
CA THR B 1 47.95 19.92 5.08
C THR B 1 47.40 18.58 5.51
N TYR B 2 47.51 18.28 6.80
CA TYR B 2 47.00 17.02 7.35
C TYR B 2 45.60 17.23 7.91
N PHE B 3 44.94 16.10 8.22
CA PHE B 3 43.54 16.15 8.61
C PHE B 3 43.36 16.68 10.03
N ALA B 4 44.35 16.47 10.89
CA ALA B 4 44.21 16.83 12.29
C ALA B 4 44.16 18.33 12.54
N VAL B 5 44.46 19.16 11.53
CA VAL B 5 44.39 20.61 11.72
C VAL B 5 42.97 21.04 12.02
N LEU B 6 41.97 20.27 11.57
CA LEU B 6 40.59 20.71 11.68
C LEU B 6 40.17 20.86 13.13
N MET B 7 40.56 19.92 13.99
CA MET B 7 40.17 19.97 15.40
C MET B 7 41.37 19.57 16.25
N GLN B 8 41.84 20.51 17.06
CA GLN B 8 43.01 20.33 17.92
C GLN B 8 42.94 21.36 19.03
N LEU B 9 43.65 21.10 20.13
CA LEU B 9 43.65 22.08 21.23
C LEU B 9 44.59 23.23 20.93
N SER B 10 45.89 22.96 20.93
CA SER B 10 46.90 23.77 20.25
C SER B 10 48.22 23.02 20.18
N PRO B 11 48.29 21.84 19.57
CA PRO B 11 49.57 21.14 19.52
C PRO B 11 50.55 21.83 18.58
N ALA B 12 50.12 22.02 17.33
CA ALA B 12 50.89 22.72 16.31
C ALA B 12 52.34 22.24 16.22
N LEU B 13 52.61 21.00 16.64
CA LEU B 13 53.98 20.51 16.76
C LEU B 13 54.11 19.22 15.99
N VAL B 14 54.83 19.26 14.87
CA VAL B 14 55.16 18.08 14.08
C VAL B 14 56.68 18.03 14.00
N PRO B 15 57.31 16.84 14.08
CA PRO B 15 58.77 16.78 14.08
C PRO B 15 59.43 17.26 12.79
N ALA B 16 58.63 17.76 11.85
CA ALA B 16 59.06 18.36 10.59
C ALA B 16 59.68 17.36 9.64
N GLU B 17 59.89 16.12 10.08
CA GLU B 17 60.30 15.03 9.19
C GLU B 17 59.18 14.06 8.90
N LEU B 18 58.22 13.93 9.82
CA LEU B 18 57.06 13.09 9.64
C LEU B 18 55.88 13.84 9.03
N LEU B 19 56.00 15.15 8.84
CA LEU B 19 54.91 15.92 8.24
C LEU B 19 54.64 15.46 6.81
N ALA B 20 55.69 15.32 6.01
CA ALA B 20 55.50 14.88 4.63
C ALA B 20 54.87 13.50 4.54
N PRO B 21 55.32 12.48 5.28
CA PRO B 21 54.55 11.23 5.30
C PRO B 21 53.14 11.41 5.86
N LEU B 22 52.96 12.29 6.84
CA LEU B 22 51.63 12.50 7.41
C LEU B 22 50.68 13.14 6.40
N THR B 23 51.12 14.24 5.79
CA THR B 23 50.25 14.95 4.85
C THR B 23 49.89 14.06 3.67
N TYR B 24 50.86 13.34 3.12
CA TYR B 24 50.56 12.40 2.05
C TYR B 24 49.56 11.35 2.51
N ILE B 25 49.65 10.92 3.77
CA ILE B 25 48.66 10.02 4.33
C ILE B 25 47.28 10.67 4.28
N SER B 26 47.20 11.95 4.67
CA SER B 26 45.95 12.67 4.54
C SER B 26 45.59 12.94 3.08
N LEU B 27 46.57 12.89 2.18
CA LEU B 27 46.29 13.18 0.78
C LEU B 27 45.56 12.02 0.11
N VAL B 28 45.98 10.80 0.38
CA VAL B 28 45.39 9.64 -0.30
C VAL B 28 44.16 9.13 0.44
N GLY B 29 44.16 9.18 1.77
CA GLY B 29 43.00 8.70 2.52
C GLY B 29 41.74 9.44 2.16
N CYS B 30 41.82 10.76 2.03
CA CYS B 30 40.69 11.52 1.51
C CYS B 30 40.40 11.15 0.06
N SER B 31 41.46 10.98 -0.74
CA SER B 31 41.27 10.65 -2.16
C SER B 31 40.53 9.32 -2.32
N ILE B 32 41.02 8.28 -1.65
CA ILE B 32 40.31 7.01 -1.70
C ILE B 32 38.93 7.15 -1.09
N SER B 33 38.74 8.14 -0.21
CA SER B 33 37.42 8.43 0.31
C SER B 33 36.59 9.19 -0.72
N ILE B 34 37.20 10.13 -1.46
CA ILE B 34 36.42 11.00 -2.32
C ILE B 34 35.75 10.23 -3.43
N VAL B 35 36.28 9.05 -3.78
CA VAL B 35 35.62 8.19 -4.74
C VAL B 35 34.68 7.21 -4.04
N ALA B 36 35.03 6.77 -2.83
CA ALA B 36 34.27 5.71 -2.16
C ALA B 36 32.83 6.13 -1.92
N SER B 37 32.61 7.39 -1.56
CA SER B 37 31.25 7.88 -1.44
C SER B 37 30.60 8.10 -2.80
N LEU B 38 31.36 8.57 -3.78
CA LEU B 38 30.80 8.86 -5.09
C LEU B 38 30.21 7.61 -5.73
N ILE B 39 30.91 6.48 -5.63
CA ILE B 39 30.35 5.23 -6.11
C ILE B 39 29.18 4.80 -5.22
N THR B 40 29.30 5.03 -3.90
CA THR B 40 28.24 4.63 -2.99
C THR B 40 26.93 5.34 -3.32
N VAL B 41 27.00 6.67 -3.49
CA VAL B 41 25.83 7.42 -3.94
C VAL B 41 25.35 6.89 -5.28
N LEU B 42 26.29 6.48 -6.14
CA LEU B 42 25.91 5.86 -7.40
C LEU B 42 25.19 4.53 -7.16
N LEU B 43 25.66 3.74 -6.20
CA LEU B 43 25.05 2.44 -5.97
C LEU B 43 23.67 2.54 -5.33
N HIS B 44 23.40 3.64 -4.63
CA HIS B 44 22.13 3.77 -3.94
C HIS B 44 20.98 4.06 -4.90
N PHE B 45 21.28 4.62 -6.07
CA PHE B 45 20.24 5.00 -7.03
C PHE B 45 20.12 4.02 -8.19
N HIS B 46 21.25 3.57 -8.76
CA HIS B 46 21.19 2.56 -9.82
C HIS B 46 20.69 1.22 -9.30
N PHE B 47 20.80 0.97 -8.01
CA PHE B 47 20.33 -0.25 -7.36
C PHE B 47 19.43 0.11 -6.18
N ARG B 48 18.47 1.00 -6.44
CA ARG B 48 17.62 1.53 -5.37
C ARG B 48 16.84 0.42 -4.69
N LYS B 49 16.84 0.45 -3.36
CA LYS B 49 16.08 -0.49 -2.54
C LYS B 49 14.71 0.10 -2.25
N GLN B 50 14.01 -0.48 -1.28
CA GLN B 50 12.68 0.00 -0.87
C GLN B 50 12.73 1.30 -0.07
N SER B 51 13.88 1.97 -0.03
CA SER B 51 14.04 3.25 0.68
C SER B 51 13.73 3.09 2.17
N ASP B 52 14.54 2.28 2.84
CA ASP B 52 14.40 2.08 4.26
C ASP B 52 14.69 3.37 5.03
N SER B 53 14.01 3.53 6.17
CA SER B 53 14.21 4.70 6.99
C SER B 53 15.58 4.74 7.65
N LEU B 54 16.32 3.63 7.63
CA LEU B 54 17.67 3.60 8.19
C LEU B 54 18.74 3.87 7.14
N THR B 55 18.63 3.25 5.96
CA THR B 55 19.63 3.46 4.92
C THR B 55 19.62 4.90 4.41
N ARG B 56 18.51 5.63 4.59
CA ARG B 56 18.49 7.04 4.22
C ARG B 56 19.46 7.84 5.08
N ILE B 57 19.52 7.53 6.38
CA ILE B 57 20.46 8.21 7.26
C ILE B 57 21.90 7.88 6.86
N HIS B 58 22.13 6.64 6.44
CA HIS B 58 23.46 6.26 5.99
C HIS B 58 23.85 7.03 4.72
N MET B 59 22.91 7.19 3.79
CA MET B 59 23.18 7.97 2.59
C MET B 59 23.46 9.43 2.94
N ASN B 60 22.70 9.99 3.89
CA ASN B 60 22.95 11.37 4.29
C ASN B 60 24.31 11.53 4.96
N LEU B 61 24.70 10.57 5.79
CA LEU B 61 26.03 10.61 6.40
C LEU B 61 27.12 10.47 5.35
N HIS B 62 26.90 9.61 4.35
CA HIS B 62 27.84 9.51 3.24
C HIS B 62 27.98 10.84 2.52
N ALA B 63 26.85 11.52 2.28
CA ALA B 63 26.90 12.81 1.63
C ALA B 63 27.67 13.83 2.46
N SER B 64 27.44 13.84 3.77
CA SER B 64 28.14 14.78 4.64
C SER B 64 29.65 14.50 4.65
N VAL B 65 30.04 13.24 4.72
CA VAL B 65 31.46 12.90 4.72
C VAL B 65 32.10 13.24 3.38
N LEU B 66 31.39 12.97 2.28
CA LEU B 66 31.90 13.33 0.97
C LEU B 66 32.08 14.84 0.84
N LEU B 67 31.12 15.61 1.35
CA LEU B 67 31.25 17.07 1.35
C LEU B 67 32.47 17.50 2.17
N LEU B 68 32.68 16.87 3.32
CA LEU B 68 33.84 17.23 4.15
C LEU B 68 35.14 16.93 3.42
N ASN B 69 35.24 15.76 2.79
CA ASN B 69 36.48 15.40 2.10
C ASN B 69 36.69 16.22 0.83
N ILE B 70 35.62 16.69 0.20
CA ILE B 70 35.77 17.53 -0.98
C ILE B 70 36.01 18.99 -0.62
N ALA B 71 35.66 19.40 0.59
CA ALA B 71 35.96 20.76 1.04
C ALA B 71 37.29 20.86 1.77
N PHE B 72 37.83 19.75 2.25
CA PHE B 72 39.12 19.79 2.94
C PHE B 72 40.28 19.96 1.96
N LEU B 73 40.23 19.24 0.84
CA LEU B 73 41.35 19.28 -0.11
C LEU B 73 41.46 20.63 -0.80
N LEU B 74 40.37 21.39 -0.88
CA LEU B 74 40.37 22.66 -1.61
C LEU B 74 40.66 23.87 -0.72
N SER B 75 40.93 23.68 0.56
CA SER B 75 41.31 24.82 1.37
C SER B 75 42.76 25.23 1.09
N PRO B 76 43.71 24.28 1.02
CA PRO B 76 45.04 24.68 0.52
C PRO B 76 45.01 25.24 -0.88
N ALA B 77 44.09 24.77 -1.74
CA ALA B 77 43.98 25.30 -3.08
C ALA B 77 43.57 26.77 -3.06
N PHE B 78 42.62 27.13 -2.20
CA PHE B 78 42.20 28.51 -2.05
C PHE B 78 42.92 29.23 -0.91
N ALA B 79 44.07 28.72 -0.49
CA ALA B 79 44.96 29.44 0.42
C ALA B 79 46.20 29.98 -0.28
N MET B 80 46.25 29.91 -1.60
CA MET B 80 47.39 30.35 -2.38
C MET B 80 47.18 31.78 -2.89
N SER B 81 48.08 32.24 -3.75
CA SER B 81 47.97 33.60 -4.29
C SER B 81 46.71 33.82 -5.12
N PRO B 82 46.31 32.93 -6.05
CA PRO B 82 45.12 33.28 -6.85
C PRO B 82 43.82 33.11 -6.07
N VAL B 83 43.58 34.03 -5.13
CA VAL B 83 42.38 34.03 -4.32
C VAL B 83 41.79 35.44 -4.34
N PRO B 84 40.61 35.65 -4.91
CA PRO B 84 40.05 37.00 -4.95
C PRO B 84 39.62 37.51 -3.59
N GLY B 85 40.58 37.94 -2.78
CA GLY B 85 40.28 38.54 -1.49
C GLY B 85 39.71 37.56 -0.49
N SER B 86 38.42 37.69 -0.21
CA SER B 86 37.72 36.84 0.74
C SER B 86 37.02 35.67 0.05
N ALA B 87 37.62 35.17 -1.03
CA ALA B 87 36.99 34.08 -1.79
C ALA B 87 36.85 32.81 -0.96
N CYS B 88 37.89 32.46 -0.20
CA CYS B 88 37.85 31.20 0.54
C CYS B 88 37.31 31.36 1.95
N THR B 89 36.79 32.54 2.30
CA THR B 89 35.96 32.63 3.49
C THR B 89 34.72 31.78 3.31
N ALA B 90 34.15 31.78 2.10
CA ALA B 90 33.03 30.88 1.80
C ALA B 90 33.45 29.43 1.91
N LEU B 91 34.67 29.08 1.48
CA LEU B 91 35.11 27.70 1.57
C LEU B 91 35.38 27.31 3.03
N ALA B 92 35.90 28.24 3.83
CA ALA B 92 36.05 27.96 5.26
C ALA B 92 34.70 27.73 5.92
N ALA B 93 33.71 28.54 5.55
CA ALA B 93 32.35 28.31 6.04
C ALA B 93 31.83 26.95 5.60
N ALA B 94 32.12 26.56 4.36
CA ALA B 94 31.69 25.26 3.85
C ALA B 94 32.35 24.12 4.60
N LEU B 95 33.64 24.24 4.90
CA LEU B 95 34.35 23.20 5.65
C LEU B 95 33.81 23.08 7.07
N HIS B 96 33.59 24.22 7.73
CA HIS B 96 33.02 24.19 9.08
C HIS B 96 31.61 23.60 9.06
N TYR B 97 30.82 23.95 8.04
CA TYR B 97 29.49 23.39 7.89
C TYR B 97 29.56 21.88 7.67
N ALA B 98 30.51 21.42 6.86
CA ALA B 98 30.64 20.00 6.61
C ALA B 98 31.03 19.24 7.87
N LEU B 99 31.96 19.79 8.66
CA LEU B 99 32.34 19.16 9.91
C LEU B 99 31.15 19.08 10.86
N LEU B 100 30.42 20.18 11.01
CA LEU B 100 29.27 20.20 11.91
C LEU B 100 28.18 19.25 11.43
N SER B 101 27.96 19.19 10.11
CA SER B 101 26.94 18.30 9.57
C SER B 101 27.32 16.84 9.78
N CYS B 102 28.59 16.49 9.58
CA CYS B 102 29.01 15.11 9.83
C CYS B 102 28.83 14.74 11.30
N LEU B 103 29.22 15.64 12.20
CA LEU B 103 29.06 15.34 13.62
C LEU B 103 27.58 15.22 14.00
N THR B 104 26.75 16.12 13.48
CA THR B 104 25.32 16.06 13.78
C THR B 104 24.70 14.79 13.23
N TRP B 105 25.13 14.35 12.05
CA TRP B 105 24.60 13.12 11.49
C TRP B 105 25.04 11.90 12.28
N MET B 106 26.25 11.95 12.85
CA MET B 106 26.66 10.89 13.77
C MET B 106 25.76 10.85 15.00
N ALA B 107 25.43 12.03 15.55
CA ALA B 107 24.50 12.08 16.67
C ALA B 107 23.12 11.56 16.27
N ILE B 108 22.71 11.84 15.03
CA ILE B 108 21.42 11.35 14.53
C ILE B 108 21.45 9.83 14.44
N GLU B 109 22.56 9.26 13.99
CA GLU B 109 22.68 7.81 13.96
C GLU B 109 22.60 7.22 15.36
N GLY B 110 23.21 7.89 16.33
CA GLY B 110 23.08 7.45 17.71
C GLY B 110 21.63 7.47 18.19
N PHE B 111 20.90 8.54 17.88
CA PHE B 111 19.50 8.62 18.27
C PHE B 111 18.68 7.53 17.59
N ASN B 112 18.95 7.27 16.32
CA ASN B 112 18.24 6.21 15.62
C ASN B 112 18.50 4.86 16.24
N LEU B 113 19.75 4.59 16.62
CA LEU B 113 20.07 3.33 17.28
C LEU B 113 19.34 3.22 18.62
N TYR B 114 19.29 4.31 19.38
CA TYR B 114 18.57 4.26 20.65
C TYR B 114 17.09 3.99 20.44
N LEU B 115 16.48 4.62 19.45
CA LEU B 115 15.07 4.36 19.17
C LEU B 115 14.85 2.93 18.71
N LEU B 116 15.75 2.41 17.87
CA LEU B 116 15.55 1.09 17.29
C LEU B 116 15.82 -0.03 18.29
N LEU B 117 16.65 0.20 19.29
CA LEU B 117 16.98 -0.84 20.26
C LEU B 117 16.50 -0.55 21.67
N GLY B 118 16.44 0.71 22.09
CA GLY B 118 16.01 1.02 23.44
C GLY B 118 14.53 1.31 23.56
N ARG B 119 14.03 2.25 22.77
CA ARG B 119 12.60 2.57 22.75
C ARG B 119 11.94 1.78 21.62
N VAL B 120 11.79 0.48 21.86
CA VAL B 120 11.56 -0.48 20.78
C VAL B 120 10.22 -0.23 20.10
N TYR B 121 9.17 0.02 20.88
CA TYR B 121 7.83 0.05 20.30
C TYR B 121 7.51 1.34 19.56
N ASN B 122 7.47 2.47 20.26
CA ASN B 122 6.99 3.71 19.64
C ASN B 122 8.17 4.41 18.97
N ILE B 123 8.36 4.13 17.68
CA ILE B 123 9.45 4.70 16.92
C ILE B 123 8.99 5.51 15.72
N TYR B 124 7.70 5.46 15.38
CA TYR B 124 7.21 6.07 14.15
C TYR B 124 6.89 7.54 14.37
N ILE B 125 7.50 8.41 13.57
CA ILE B 125 7.15 9.81 13.51
C ILE B 125 6.68 10.10 12.08
N ARG B 126 5.93 11.19 11.93
CA ARG B 126 5.26 11.49 10.66
C ARG B 126 6.19 11.34 9.47
N ARG B 127 7.26 12.13 9.42
CA ARG B 127 8.31 11.97 8.42
C ARG B 127 9.63 12.07 9.17
N TYR B 128 10.09 10.93 9.70
CA TYR B 128 11.28 10.93 10.54
C TYR B 128 12.51 11.39 9.77
N VAL B 129 12.68 10.92 8.54
CA VAL B 129 13.88 11.23 7.79
C VAL B 129 13.97 12.72 7.49
N PHE B 130 12.83 13.38 7.29
CA PHE B 130 12.86 14.82 7.02
C PHE B 130 13.24 15.60 8.26
N LYS B 131 12.65 15.26 9.41
CA LYS B 131 13.02 15.93 10.65
C LYS B 131 14.44 15.62 11.10
N LEU B 132 15.03 14.54 10.60
CA LEU B 132 16.45 14.30 10.86
C LEU B 132 17.33 15.03 9.86
N GLY B 133 16.90 15.13 8.61
CA GLY B 133 17.66 15.87 7.62
C GLY B 133 17.74 17.36 7.95
N VAL B 134 16.62 17.94 8.40
CA VAL B 134 16.65 19.34 8.78
C VAL B 134 17.61 19.56 9.95
N LEU B 135 17.53 18.70 10.97
CA LEU B 135 18.41 18.83 12.12
C LEU B 135 19.87 18.53 11.78
N GLY B 136 20.12 17.76 10.73
CA GLY B 136 21.48 17.43 10.36
C GLY B 136 22.11 18.38 9.38
N TRP B 137 21.30 19.17 8.67
CA TRP B 137 21.82 20.11 7.69
C TRP B 137 21.55 21.57 8.08
N GLY B 138 20.29 21.94 8.29
CA GLY B 138 19.99 23.33 8.60
C GLY B 138 20.25 23.72 10.03
N ALA B 139 20.10 22.78 10.96
CA ALA B 139 20.48 23.07 12.34
C ALA B 139 21.96 23.38 12.50
N PRO B 140 22.90 22.65 11.87
CA PRO B 140 24.28 23.15 11.82
C PRO B 140 24.47 24.11 10.66
N ALA B 141 23.49 25.00 10.47
CA ALA B 141 23.61 26.12 9.53
C ALA B 141 23.24 27.39 10.27
N LEU B 142 22.34 27.28 11.25
CA LEU B 142 22.08 28.37 12.19
C LEU B 142 23.24 28.62 13.13
N LEU B 143 24.35 27.89 12.99
CA LEU B 143 25.57 28.16 13.71
C LEU B 143 26.68 28.73 12.84
N VAL B 144 26.65 28.49 11.54
CA VAL B 144 27.64 29.05 10.61
C VAL B 144 27.16 30.33 9.97
N LEU B 145 25.92 30.36 9.48
CA LEU B 145 25.37 31.60 8.95
C LEU B 145 25.12 32.63 10.03
N LEU B 146 24.91 32.18 11.28
CA LEU B 146 24.80 33.13 12.39
C LEU B 146 26.12 33.84 12.64
N SER B 147 27.23 33.12 12.57
CA SER B 147 28.54 33.69 12.84
C SER B 147 29.20 34.29 11.60
N LEU B 148 28.63 34.08 10.42
CA LEU B 148 29.19 34.69 9.22
C LEU B 148 29.13 36.21 9.29
N SER B 149 28.01 36.75 9.78
CA SER B 149 27.85 38.19 9.92
C SER B 149 28.37 38.70 11.26
N VAL B 150 27.99 38.05 12.36
CA VAL B 150 28.44 38.45 13.68
C VAL B 150 29.92 38.12 13.82
N LYS B 151 30.68 39.10 14.30
CA LYS B 151 32.15 39.03 14.41
C LYS B 151 32.75 38.34 13.19
N SER B 152 32.49 38.93 12.02
CA SER B 152 32.86 38.34 10.74
C SER B 152 34.35 38.07 10.59
N SER B 153 35.18 38.57 11.50
CA SER B 153 36.60 38.23 11.49
C SER B 153 36.79 36.89 12.18
N VAL B 154 36.03 35.88 11.76
CA VAL B 154 36.05 34.56 12.36
C VAL B 154 36.54 33.49 11.39
N TYR B 155 36.11 33.56 10.13
CA TYR B 155 36.71 32.76 9.08
C TYR B 155 37.75 33.60 8.36
N GLY B 156 38.27 33.08 7.24
CA GLY B 156 39.27 33.78 6.48
C GLY B 156 40.59 33.03 6.50
N PRO B 157 41.62 33.62 5.88
CA PRO B 157 42.90 32.92 5.77
C PRO B 157 43.49 32.59 7.13
N CYS B 158 44.08 31.41 7.23
CA CYS B 158 44.72 30.95 8.45
C CYS B 158 46.06 30.34 8.11
N THR B 159 47.04 30.54 8.98
CA THR B 159 48.39 30.01 8.81
C THR B 159 48.78 29.33 10.12
N ILE B 160 48.42 28.06 10.25
CA ILE B 160 48.79 27.33 11.48
C ILE B 160 50.29 27.08 11.48
N PRO B 161 51.01 27.43 12.55
CA PRO B 161 52.47 27.28 12.55
C PRO B 161 52.86 25.85 12.92
N VAL B 162 53.67 25.24 12.08
CA VAL B 162 54.25 23.92 12.37
C VAL B 162 55.70 24.10 12.75
N PHE B 163 56.12 23.45 13.83
CA PHE B 163 57.48 23.62 14.32
C PHE B 163 57.96 22.33 14.98
N ASP B 164 59.27 22.13 14.93
CA ASP B 164 59.94 21.05 15.64
C ASP B 164 60.40 21.57 17.01
N SER B 165 61.28 20.81 17.67
CA SER B 165 61.81 21.25 18.96
C SER B 165 62.62 22.53 18.84
N TRP B 166 63.11 22.87 17.64
CA TRP B 166 63.87 24.09 17.41
C TRP B 166 62.99 25.22 16.88
N GLU B 167 61.71 25.24 17.27
CA GLU B 167 60.73 26.28 16.92
C GLU B 167 60.75 26.62 15.43
N ASN B 168 61.17 25.66 14.59
CA ASN B 168 61.21 25.82 13.13
C ASN B 168 61.99 27.07 12.73
N GLY B 169 63.11 27.30 13.41
CA GLY B 169 63.95 28.44 13.13
C GLY B 169 64.77 28.29 11.86
N THR B 170 64.56 29.20 10.90
CA THR B 170 65.27 29.17 9.62
C THR B 170 65.11 27.83 8.92
N GLY B 171 63.90 27.28 8.97
CA GLY B 171 63.62 25.99 8.37
C GLY B 171 62.75 26.05 7.15
N PHE B 172 61.47 25.71 7.31
CA PHE B 172 60.51 25.68 6.22
C PHE B 172 59.38 26.66 6.51
N GLN B 173 58.34 26.63 5.68
CA GLN B 173 57.22 27.55 5.78
C GLN B 173 56.01 26.83 6.36
N ASN B 174 55.28 27.53 7.23
CA ASN B 174 54.08 26.97 7.82
C ASN B 174 52.96 26.85 6.80
N MET B 175 52.15 25.81 6.94
CA MET B 175 51.06 25.55 6.02
C MET B 175 49.92 26.56 6.20
N SER B 176 49.28 26.92 5.10
CA SER B 176 48.21 27.90 5.08
C SER B 176 46.90 27.19 4.73
N ILE B 177 45.92 27.32 5.60
CA ILE B 177 44.60 26.71 5.41
C ILE B 177 43.52 27.60 6.01
N CYS B 178 42.73 28.24 5.16
CA CYS B 178 41.74 29.18 5.68
C CYS B 178 40.61 28.45 6.39
N TRP B 179 40.46 28.74 7.67
CA TRP B 179 39.66 27.97 8.62
C TRP B 179 39.09 28.96 9.63
N VAL B 180 38.62 28.45 10.77
CA VAL B 180 38.15 29.32 11.84
C VAL B 180 39.36 29.85 12.60
N ARG B 181 39.70 31.12 12.36
CA ARG B 181 40.89 31.72 12.95
C ARG B 181 40.63 32.38 14.28
N SER B 182 39.38 32.48 14.72
CA SER B 182 39.08 33.03 16.03
C SER B 182 39.12 31.91 17.06
N PRO B 183 40.02 31.96 18.04
CA PRO B 183 40.07 30.87 19.03
C PRO B 183 38.97 31.02 20.08
N VAL B 184 37.77 31.35 19.62
CA VAL B 184 36.58 31.40 20.46
C VAL B 184 35.48 30.51 19.89
N VAL B 185 35.26 30.59 18.57
CA VAL B 185 34.38 29.63 17.92
C VAL B 185 34.99 28.24 17.97
N HIS B 186 36.31 28.13 17.95
CA HIS B 186 37.00 26.86 17.92
C HIS B 186 36.93 26.12 19.23
N SER B 187 36.24 26.67 20.23
CA SER B 187 36.01 25.98 21.48
C SER B 187 34.54 25.82 21.82
N VAL B 188 33.65 26.44 21.05
CA VAL B 188 32.21 26.33 21.31
C VAL B 188 31.44 25.72 20.15
N LEU B 189 31.89 25.85 18.91
CA LEU B 189 31.20 25.31 17.76
C LEU B 189 31.93 24.16 17.08
N VAL B 190 33.24 24.01 17.31
CA VAL B 190 33.97 22.90 16.70
C VAL B 190 34.28 21.86 17.77
N MET B 191 35.11 22.22 18.74
CA MET B 191 35.43 21.27 19.80
C MET B 191 34.31 21.11 20.82
N GLY B 192 33.56 22.17 21.11
CA GLY B 192 32.39 22.03 21.94
C GLY B 192 31.38 21.09 21.31
N TYR B 193 31.16 21.26 20.01
CA TYR B 193 30.25 20.39 19.29
C TYR B 193 30.76 18.95 19.24
N GLY B 194 32.06 18.77 19.00
CA GLY B 194 32.64 17.45 18.98
C GLY B 194 32.77 16.80 20.33
N GLY B 195 32.63 17.56 21.41
CA GLY B 195 32.59 16.97 22.73
C GLY B 195 31.17 16.69 23.16
N LEU B 196 30.22 17.44 22.60
CA LEU B 196 28.82 17.16 22.85
C LEU B 196 28.33 15.97 22.05
N THR B 197 28.86 15.76 20.85
CA THR B 197 28.40 14.67 19.99
C THR B 197 29.20 13.38 20.17
N SER B 198 30.52 13.47 20.24
CA SER B 198 31.32 12.26 20.44
C SER B 198 31.05 11.63 21.80
N LEU B 199 30.82 12.45 22.82
CA LEU B 199 30.46 11.90 24.13
C LEU B 199 29.14 11.15 24.06
N PHE B 200 28.16 11.70 23.33
CA PHE B 200 26.90 11.00 23.14
C PHE B 200 27.09 9.69 22.41
N ASN B 201 27.92 9.70 21.36
CA ASN B 201 28.16 8.47 20.61
C ASN B 201 28.85 7.41 21.46
N LEU B 202 29.81 7.83 22.28
CA LEU B 202 30.44 6.89 23.21
C LEU B 202 29.43 6.34 24.23
N VAL B 203 28.55 7.19 24.73
CA VAL B 203 27.51 6.73 25.66
C VAL B 203 26.59 5.71 25.00
N VAL B 204 26.15 5.96 23.77
CA VAL B 204 25.29 5.02 23.06
C VAL B 204 26.04 3.76 22.66
N LEU B 205 27.34 3.84 22.48
CA LEU B 205 28.15 2.65 22.21
C LEU B 205 28.27 1.73 23.41
N ALA B 206 28.53 2.28 24.60
CA ALA B 206 28.51 1.45 25.80
C ALA B 206 27.13 0.87 26.05
N TRP B 207 26.09 1.69 25.87
CA TRP B 207 24.72 1.19 26.02
C TRP B 207 24.40 0.16 24.95
N ALA B 208 24.87 0.37 23.71
CA ALA B 208 24.66 -0.62 22.67
C ALA B 208 25.32 -1.94 23.01
N LEU B 209 26.55 -1.89 23.52
CA LEU B 209 27.22 -3.12 23.93
C LEU B 209 26.47 -3.81 25.07
N TRP B 210 26.01 -3.04 26.05
CA TRP B 210 25.28 -3.63 27.17
C TRP B 210 23.99 -4.30 26.72
N THR B 211 23.21 -3.61 25.89
CA THR B 211 21.94 -4.18 25.46
C THR B 211 22.15 -5.30 24.46
N LEU B 212 23.26 -5.31 23.73
CA LEU B 212 23.54 -6.42 22.83
C LEU B 212 24.00 -7.66 23.59
N ARG B 213 24.74 -7.45 24.68
CA ARG B 213 25.09 -8.57 25.55
C ARG B 213 23.86 -9.14 26.24
N ARG B 214 22.95 -8.27 26.70
CA ARG B 214 21.71 -8.76 27.30
C ARG B 214 20.79 -9.38 26.25
N LEU B 215 20.92 -8.98 24.99
CA LEU B 215 20.11 -9.56 23.93
C LEU B 215 20.64 -10.89 23.45
N ARG B 216 21.90 -11.22 23.76
CA ARG B 216 22.51 -12.48 23.34
C ARG B 216 22.81 -13.39 24.51
N GLU B 217 22.16 -13.17 25.65
CA GLU B 217 22.37 -14.00 26.83
C GLU B 217 21.40 -15.17 26.85
N HIS B 228 27.95 -12.57 13.19
CA HIS B 228 28.82 -12.52 14.35
C HIS B 228 28.49 -11.32 15.24
N ASP B 229 28.72 -11.48 16.54
CA ASP B 229 28.38 -10.42 17.49
C ASP B 229 29.43 -9.33 17.55
N THR B 230 30.61 -9.54 16.96
CA THR B 230 31.67 -8.54 16.96
C THR B 230 31.73 -7.75 15.67
N VAL B 231 31.39 -8.35 14.53
CA VAL B 231 31.38 -7.62 13.27
C VAL B 231 30.30 -6.54 13.29
N THR B 232 29.16 -6.82 13.94
CA THR B 232 28.12 -5.81 14.05
C THR B 232 28.57 -4.61 14.88
N VAL B 233 29.29 -4.86 15.97
CA VAL B 233 29.79 -3.75 16.79
C VAL B 233 30.90 -3.00 16.05
N LEU B 234 31.72 -3.72 15.27
CA LEU B 234 32.75 -3.05 14.48
C LEU B 234 32.12 -2.15 13.41
N GLY B 235 31.03 -2.61 12.79
CA GLY B 235 30.31 -1.74 11.89
C GLY B 235 29.64 -0.58 12.60
N LEU B 236 29.15 -0.82 13.82
CA LEU B 236 28.45 0.22 14.56
C LEU B 236 29.41 1.32 15.00
N THR B 237 30.65 0.96 15.36
CA THR B 237 31.59 1.98 15.78
C THR B 237 32.08 2.82 14.60
N VAL B 238 31.90 2.34 13.38
CA VAL B 238 32.16 3.16 12.20
C VAL B 238 30.96 4.02 11.88
N LEU B 239 29.76 3.44 11.94
CA LEU B 239 28.55 4.16 11.62
C LEU B 239 28.31 5.32 12.58
N LEU B 240 28.44 5.04 13.88
CA LEU B 240 28.31 6.10 14.88
C LEU B 240 29.46 7.09 14.80
N GLY B 241 30.68 6.59 14.68
CA GLY B 241 31.84 7.43 14.63
C GLY B 241 32.52 7.53 15.98
N THR B 242 33.56 6.74 16.18
CA THR B 242 34.32 6.74 17.42
C THR B 242 35.77 7.11 17.21
N THR B 243 36.30 6.93 15.99
CA THR B 243 37.63 7.43 15.67
C THR B 243 37.68 8.95 15.77
N TRP B 244 36.55 9.63 15.56
CA TRP B 244 36.49 11.07 15.77
C TRP B 244 36.56 11.45 17.23
N ALA B 245 36.35 10.48 18.13
CA ALA B 245 36.67 10.67 19.54
C ALA B 245 38.16 10.76 19.79
N LEU B 246 38.98 10.40 18.80
CA LEU B 246 40.43 10.47 18.94
C LEU B 246 40.95 11.89 19.04
N ALA B 247 40.13 12.90 18.75
CA ALA B 247 40.58 14.28 18.84
C ALA B 247 40.33 14.87 20.23
N PHE B 248 40.67 14.09 21.25
CA PHE B 248 40.73 14.53 22.63
C PHE B 248 42.08 14.25 23.26
N PHE B 249 42.99 13.61 22.50
CA PHE B 249 44.29 13.20 22.99
C PHE B 249 45.42 13.96 22.29
N SER B 250 45.23 15.26 22.12
CA SER B 250 46.22 16.11 21.45
C SER B 250 47.28 16.63 22.42
N PHE B 251 47.49 15.95 23.54
CA PHE B 251 48.44 16.40 24.54
C PHE B 251 49.86 16.08 24.08
N GLY B 252 50.83 16.55 24.87
CA GLY B 252 52.22 16.47 24.45
C GLY B 252 52.72 15.04 24.28
N VAL B 253 52.33 14.15 25.20
CA VAL B 253 52.79 12.77 25.13
C VAL B 253 52.19 12.05 23.93
N PHE B 254 50.92 12.33 23.64
CA PHE B 254 50.21 11.61 22.58
C PHE B 254 50.34 12.33 21.24
N LEU B 255 51.57 12.60 20.83
CA LEU B 255 51.82 13.17 19.50
C LEU B 255 51.41 12.20 18.40
N LEU B 256 51.76 10.91 18.56
CA LEU B 256 51.48 9.94 17.51
C LEU B 256 49.99 9.68 17.32
N PRO B 257 49.19 9.41 18.36
CA PRO B 257 47.79 9.04 18.11
C PRO B 257 46.96 10.16 17.52
N GLN B 258 46.98 11.36 18.12
CA GLN B 258 46.09 12.42 17.67
C GLN B 258 46.49 12.99 16.32
N LEU B 259 47.69 12.70 15.84
CA LEU B 259 48.14 13.16 14.54
C LEU B 259 48.11 12.07 13.48
N PHE B 260 48.68 10.91 13.77
CA PHE B 260 48.80 9.86 12.76
C PHE B 260 47.63 8.91 12.77
N LEU B 261 47.26 8.40 13.95
CA LEU B 261 46.12 7.49 14.03
C LEU B 261 44.83 8.20 13.63
N PHE B 262 44.65 9.43 14.09
CA PHE B 262 43.46 10.19 13.72
C PHE B 262 43.36 10.35 12.21
N THR B 263 44.46 10.74 11.57
CA THR B 263 44.44 10.94 10.13
C THR B 263 44.18 9.63 9.39
N ILE B 264 44.92 8.58 9.73
CA ILE B 264 44.82 7.33 9.01
C ILE B 264 43.48 6.64 9.27
N LEU B 265 42.76 7.01 10.33
CA LEU B 265 41.44 6.42 10.57
C LEU B 265 40.29 7.30 10.12
N ASN B 266 40.50 8.60 9.93
CA ASN B 266 39.41 9.48 9.58
C ASN B 266 39.45 9.99 8.15
N SER B 267 40.61 10.01 7.50
CA SER B 267 40.63 10.29 6.07
C SER B 267 39.93 9.16 5.31
N LEU B 268 40.12 7.92 5.76
CA LEU B 268 39.46 6.76 5.19
C LEU B 268 38.09 6.51 5.81
N TYR B 269 37.50 7.51 6.46
CA TYR B 269 36.18 7.32 7.04
C TYR B 269 35.12 7.08 5.96
N GLY B 270 35.24 7.80 4.84
CA GLY B 270 34.33 7.56 3.73
C GLY B 270 34.47 6.15 3.18
N PHE B 271 35.71 5.65 3.10
CA PHE B 271 35.93 4.29 2.64
C PHE B 271 35.35 3.28 3.61
N PHE B 272 35.50 3.53 4.91
CA PHE B 272 34.92 2.63 5.92
C PHE B 272 33.40 2.64 5.82
N LEU B 273 32.79 3.81 5.63
CA LEU B 273 31.34 3.88 5.49
C LEU B 273 30.89 3.16 4.22
N PHE B 274 31.66 3.28 3.13
CA PHE B 274 31.34 2.55 1.92
C PHE B 274 31.44 1.05 2.15
N LEU B 275 32.43 0.61 2.92
CA LEU B 275 32.53 -0.80 3.27
C LEU B 275 31.31 -1.26 4.06
N TRP B 276 30.87 -0.43 5.01
CA TRP B 276 29.65 -0.74 5.76
C TRP B 276 28.44 -0.88 4.85
N PHE B 277 28.28 0.07 3.92
CA PHE B 277 27.15 0.04 3.00
C PHE B 277 27.21 -1.19 2.11
N CYS B 278 28.39 -1.51 1.59
CA CYS B 278 28.53 -2.68 0.73
C CYS B 278 28.25 -3.96 1.49
N SER B 279 28.72 -4.06 2.73
CA SER B 279 28.46 -5.26 3.53
C SER B 279 26.98 -5.39 3.83
N GLN B 280 26.31 -4.29 4.17
CA GLN B 280 24.88 -4.35 4.43
C GLN B 280 24.11 -4.76 3.18
N ARG B 281 24.50 -4.22 2.02
CA ARG B 281 23.83 -4.58 0.78
C ARG B 281 24.05 -6.05 0.44
N CYS B 282 25.26 -6.57 0.65
CA CYS B 282 25.51 -7.97 0.36
C CYS B 282 24.75 -8.88 1.31
N ARG B 283 24.62 -8.49 2.59
CA ARG B 283 23.83 -9.27 3.52
C ARG B 283 22.35 -9.23 3.15
N SER B 284 21.86 -8.08 2.71
CA SER B 284 20.47 -8.00 2.23
C SER B 284 20.27 -8.89 1.01
N GLU B 285 21.25 -8.92 0.11
CA GLU B 285 21.15 -9.81 -1.05
C GLU B 285 21.15 -11.26 -0.61
N ALA B 286 21.96 -11.62 0.38
CA ALA B 286 21.97 -12.98 0.89
C ALA B 286 20.63 -13.36 1.49
N GLU B 287 20.02 -12.44 2.26
CA GLU B 287 18.70 -12.71 2.82
C GLU B 287 17.64 -12.87 1.74
N ALA B 288 17.71 -12.01 0.71
CA ALA B 288 16.76 -12.13 -0.39
C ALA B 288 16.92 -13.46 -1.13
N LYS B 289 18.16 -13.89 -1.35
CA LYS B 289 18.39 -15.18 -1.99
C LYS B 289 17.89 -16.31 -1.10
N ALA B 290 18.07 -16.19 0.22
CA ALA B 290 17.55 -17.20 1.13
C ALA B 290 16.03 -17.29 1.06
N GLN B 291 15.36 -16.14 0.95
CA GLN B 291 13.91 -16.13 0.92
C GLN B 291 13.33 -16.38 -0.47
N ILE B 292 14.17 -16.44 -1.51
CA ILE B 292 13.71 -16.82 -2.84
C ILE B 292 13.83 -18.32 -3.03
N GLU B 293 15.03 -18.87 -2.80
CA GLU B 293 15.25 -20.30 -2.93
C GLU B 293 14.58 -21.11 -1.82
N ALA B 294 14.05 -20.46 -0.78
CA ALA B 294 13.33 -21.16 0.26
C ALA B 294 12.07 -20.39 0.65
N VAL C 1 -31.89 13.27 1.98
CA VAL C 1 -31.02 14.41 2.22
C VAL C 1 -31.84 15.70 2.23
N GLN C 2 -31.47 16.62 3.11
CA GLN C 2 -32.11 17.93 3.11
C GLN C 2 -31.15 18.98 3.63
N LEU C 3 -31.32 20.21 3.11
CA LEU C 3 -30.49 21.35 3.44
C LEU C 3 -31.44 22.48 3.81
N VAL C 4 -31.56 22.77 5.11
CA VAL C 4 -32.47 23.78 5.61
C VAL C 4 -31.67 25.03 5.94
N GLU C 5 -32.12 26.18 5.43
CA GLU C 5 -31.40 27.44 5.63
C GLU C 5 -32.10 28.29 6.67
N SER C 6 -31.30 29.01 7.44
CA SER C 6 -31.78 29.96 8.43
C SER C 6 -31.13 31.31 8.18
N GLY C 7 -31.91 32.37 8.29
CA GLY C 7 -31.46 33.73 8.06
C GLY C 7 -32.50 34.49 7.26
N GLY C 8 -32.07 35.60 6.70
CA GLY C 8 -32.94 36.40 5.85
C GLY C 8 -33.86 37.30 6.64
N GLY C 9 -34.55 38.16 5.91
CA GLY C 9 -35.45 39.14 6.46
C GLY C 9 -35.08 40.53 5.98
N LEU C 10 -35.63 41.53 6.65
CA LEU C 10 -35.36 42.92 6.32
C LEU C 10 -34.06 43.36 6.98
N VAL C 11 -33.10 43.82 6.18
CA VAL C 11 -31.83 44.35 6.69
C VAL C 11 -31.60 45.73 6.10
N GLN C 12 -31.22 46.68 6.96
CA GLN C 12 -30.93 48.03 6.49
C GLN C 12 -29.63 48.05 5.70
N PRO C 13 -29.48 48.99 4.77
CA PRO C 13 -28.24 49.06 4.00
C PRO C 13 -27.04 49.30 4.89
N GLY C 14 -25.91 48.68 4.52
CA GLY C 14 -24.68 48.81 5.26
C GLY C 14 -24.58 47.94 6.50
N GLY C 15 -25.57 47.11 6.78
CA GLY C 15 -25.57 46.25 7.93
C GLY C 15 -24.81 44.95 7.69
N SER C 16 -24.91 44.05 8.67
CA SER C 16 -24.28 42.75 8.60
C SER C 16 -25.31 41.67 8.95
N ARG C 17 -25.23 40.54 8.27
CA ARG C 17 -26.19 39.47 8.49
C ARG C 17 -25.52 38.12 8.31
N LYS C 18 -25.86 37.18 9.18
CA LYS C 18 -25.27 35.85 9.18
C LYS C 18 -26.31 34.84 8.72
N LEU C 19 -25.96 34.05 7.70
CA LEU C 19 -26.87 33.03 7.18
C LEU C 19 -26.25 31.66 7.34
N SER C 20 -27.08 30.69 7.73
CA SER C 20 -26.62 29.35 8.05
C SER C 20 -27.37 28.31 7.21
N CYS C 21 -26.68 27.24 6.88
CA CYS C 21 -27.24 26.12 6.12
C CYS C 21 -26.95 24.86 6.91
N SER C 22 -28.00 24.22 7.43
CA SER C 22 -27.88 22.99 8.20
C SER C 22 -28.20 21.82 7.29
N ALA C 23 -27.27 20.88 7.18
CA ALA C 23 -27.40 19.74 6.29
C ALA C 23 -27.67 18.49 7.12
N SER C 24 -28.81 17.85 6.85
CA SER C 24 -29.17 16.62 7.55
C SER C 24 -29.52 15.57 6.52
N GLY C 25 -28.85 14.42 6.60
CA GLY C 25 -29.13 13.31 5.71
C GLY C 25 -27.98 12.90 4.82
N PHE C 26 -26.81 13.53 4.88
CA PHE C 26 -25.68 13.11 4.06
C PHE C 26 -24.39 13.53 4.74
N ALA C 27 -23.28 13.10 4.14
CA ALA C 27 -21.95 13.40 4.66
C ALA C 27 -21.57 14.83 4.26
N PHE C 28 -21.61 15.75 5.23
CA PHE C 28 -21.26 17.13 4.97
C PHE C 28 -19.76 17.34 4.84
N SER C 29 -18.95 16.41 5.34
CA SER C 29 -17.51 16.61 5.35
C SER C 29 -16.91 16.44 3.96
N SER C 30 -17.45 15.53 3.15
CA SER C 30 -16.86 15.19 1.86
C SER C 30 -17.43 16.02 0.72
N PHE C 31 -18.32 16.97 1.00
CA PHE C 31 -19.04 17.69 -0.04
C PHE C 31 -18.68 19.16 -0.02
N GLY C 32 -18.41 19.71 -1.20
CA GLY C 32 -18.32 21.15 -1.33
C GLY C 32 -19.68 21.81 -1.25
N MET C 33 -19.68 23.07 -0.85
CA MET C 33 -20.88 23.86 -0.71
C MET C 33 -20.78 25.12 -1.55
N HIS C 34 -21.90 25.53 -2.14
CA HIS C 34 -21.98 26.75 -2.93
C HIS C 34 -23.14 27.58 -2.44
N TRP C 35 -23.07 28.88 -2.70
CA TRP C 35 -24.17 29.79 -2.43
C TRP C 35 -24.60 30.44 -3.74
N VAL C 36 -25.90 30.41 -4.02
CA VAL C 36 -26.46 30.89 -5.28
C VAL C 36 -27.55 31.91 -4.98
N ARG C 37 -27.44 33.09 -5.58
CA ARG C 37 -28.47 34.11 -5.41
C ARG C 37 -29.53 34.01 -6.49
N GLN C 38 -30.68 34.61 -6.21
CA GLN C 38 -31.73 34.76 -7.19
C GLN C 38 -32.52 36.01 -6.87
N ALA C 39 -32.53 36.96 -7.81
CA ALA C 39 -33.28 38.20 -7.63
C ALA C 39 -34.78 37.92 -7.66
N PRO C 40 -35.59 38.83 -7.12
CA PRO C 40 -37.04 38.59 -7.12
C PRO C 40 -37.63 38.35 -8.50
N GLU C 41 -37.12 39.01 -9.53
CA GLU C 41 -37.59 38.80 -10.89
C GLU C 41 -36.52 38.26 -11.83
N LYS C 42 -35.25 38.59 -11.61
CA LYS C 42 -34.18 38.18 -12.50
C LYS C 42 -33.79 36.73 -12.23
N GLY C 43 -32.68 36.30 -12.81
CA GLY C 43 -32.23 34.92 -12.73
C GLY C 43 -31.28 34.68 -11.58
N LEU C 44 -30.38 33.72 -11.78
CA LEU C 44 -29.46 33.27 -10.76
C LEU C 44 -28.07 33.87 -10.97
N GLU C 45 -27.28 33.86 -9.89
CA GLU C 45 -25.90 34.31 -9.95
C GLU C 45 -25.12 33.64 -8.84
N TRP C 46 -23.94 33.12 -9.17
CA TRP C 46 -23.10 32.44 -8.20
C TRP C 46 -22.49 33.44 -7.23
N VAL C 47 -22.34 33.01 -5.97
CA VAL C 47 -21.90 33.93 -4.92
C VAL C 47 -20.57 33.46 -4.32
N ALA C 48 -20.56 32.28 -3.71
CA ALA C 48 -19.36 31.81 -3.03
C ALA C 48 -19.32 30.30 -3.06
N TYR C 49 -18.13 29.75 -2.83
CA TYR C 49 -17.93 28.31 -2.83
C TYR C 49 -16.84 27.95 -1.83
N ILE C 50 -17.14 26.93 -1.01
CA ILE C 50 -16.20 26.39 -0.04
C ILE C 50 -16.06 24.90 -0.29
N SER C 51 -14.84 24.39 -0.20
CA SER C 51 -14.54 23.03 -0.59
C SER C 51 -14.50 22.12 0.63
N SER C 52 -14.11 20.87 0.41
CA SER C 52 -13.94 19.91 1.50
C SER C 52 -12.64 20.20 2.23
N GLY C 53 -12.75 20.58 3.50
CA GLY C 53 -11.60 20.92 4.30
C GLY C 53 -11.31 22.40 4.40
N SER C 54 -12.15 23.25 3.80
CA SER C 54 -11.99 24.70 3.85
C SER C 54 -10.62 25.11 3.30
N GLY C 55 -10.15 24.38 2.30
CA GLY C 55 -8.82 24.62 1.75
C GLY C 55 -8.84 25.29 0.38
N THR C 56 -10.04 25.47 -0.18
CA THR C 56 -10.17 26.11 -1.50
C THR C 56 -11.48 26.89 -1.48
N ILE C 57 -11.39 28.19 -1.25
CA ILE C 57 -12.55 29.06 -1.11
C ILE C 57 -12.53 30.08 -2.24
N TYR C 58 -13.65 30.20 -2.94
CA TYR C 58 -13.77 31.13 -4.06
C TYR C 58 -14.97 32.03 -3.86
N TYR C 59 -14.89 33.24 -4.41
CA TYR C 59 -15.98 34.20 -4.35
C TYR C 59 -16.21 34.80 -5.73
N ALA C 60 -17.39 35.38 -5.91
CA ALA C 60 -17.67 36.15 -7.11
C ALA C 60 -17.05 37.53 -6.99
N ASP C 61 -16.87 38.19 -8.14
CA ASP C 61 -16.25 39.51 -8.15
C ASP C 61 -17.09 40.53 -7.40
N THR C 62 -18.42 40.47 -7.57
CA THR C 62 -19.31 41.42 -6.92
C THR C 62 -19.39 41.21 -5.41
N VAL C 63 -18.87 40.10 -4.89
CA VAL C 63 -18.95 39.80 -3.47
C VAL C 63 -17.55 39.45 -2.97
N LYS C 64 -16.53 40.05 -3.60
CA LYS C 64 -15.15 39.61 -3.37
C LYS C 64 -14.73 39.78 -1.92
N GLY C 65 -15.10 40.89 -1.30
CA GLY C 65 -14.68 41.13 0.07
C GLY C 65 -15.83 41.32 1.04
N ARG C 66 -17.01 41.65 0.50
CA ARG C 66 -18.15 41.93 1.37
C ARG C 66 -18.58 40.69 2.14
N PHE C 67 -18.68 39.55 1.48
CA PHE C 67 -19.11 38.32 2.12
C PHE C 67 -17.92 37.43 2.46
N THR C 68 -18.07 36.65 3.53
CA THR C 68 -17.09 35.63 3.87
C THR C 68 -17.83 34.34 4.22
N ILE C 69 -17.29 33.22 3.75
CA ILE C 69 -17.91 31.92 3.96
C ILE C 69 -17.11 31.17 5.01
N SER C 70 -17.77 30.24 5.70
CA SER C 70 -17.10 29.46 6.73
C SER C 70 -17.93 28.21 7.02
N ARG C 71 -17.31 27.05 6.90
CA ARG C 71 -17.99 25.78 7.15
C ARG C 71 -17.60 25.25 8.52
N ASP C 72 -18.61 24.94 9.34
CA ASP C 72 -18.38 24.26 10.61
C ASP C 72 -18.78 22.80 10.40
N ASP C 73 -17.77 21.93 10.36
CA ASP C 73 -18.01 20.54 9.98
C ASP C 73 -18.59 19.68 11.10
N PRO C 74 -18.12 19.78 12.36
CA PRO C 74 -18.62 18.82 13.37
C PRO C 74 -20.13 18.83 13.55
N LYS C 75 -20.78 19.98 13.49
CA LYS C 75 -22.24 20.03 13.61
C LYS C 75 -22.92 20.18 12.27
N ASN C 76 -22.19 19.99 11.16
CA ASN C 76 -22.77 19.94 9.83
C ASN C 76 -23.52 21.23 9.48
N THR C 77 -22.78 22.33 9.44
CA THR C 77 -23.41 23.61 9.14
C THR C 77 -22.46 24.45 8.30
N LEU C 78 -23.03 25.35 7.49
CA LEU C 78 -22.25 26.26 6.67
C LEU C 78 -22.78 27.68 6.87
N PHE C 79 -21.96 28.56 7.41
CA PHE C 79 -22.32 29.95 7.64
C PHE C 79 -21.68 30.84 6.59
N LEU C 80 -22.30 32.01 6.39
CA LEU C 80 -21.61 33.11 5.74
C LEU C 80 -22.00 34.42 6.40
N GLN C 81 -21.00 35.27 6.59
CA GLN C 81 -21.19 36.62 7.09
C GLN C 81 -21.31 37.57 5.90
N MET C 82 -22.30 38.45 5.95
CA MET C 82 -22.57 39.41 4.90
C MET C 82 -22.36 40.79 5.48
N THR C 83 -21.34 41.49 4.98
CA THR C 83 -21.00 42.83 5.43
C THR C 83 -21.25 43.83 4.32
N SER C 84 -21.77 45.00 4.67
CA SER C 84 -22.12 46.05 3.73
C SER C 84 -23.09 45.54 2.67
N LEU C 85 -24.27 45.14 3.13
CA LEU C 85 -25.32 44.64 2.25
C LEU C 85 -26.03 45.83 1.61
N ARG C 86 -25.76 46.07 0.33
CA ARG C 86 -26.43 47.13 -0.40
C ARG C 86 -27.70 46.60 -1.04
N SER C 87 -28.43 47.48 -1.74
CA SER C 87 -29.71 47.11 -2.32
C SER C 87 -29.57 46.09 -3.45
N GLU C 88 -28.36 45.89 -3.98
CA GLU C 88 -28.15 44.91 -5.03
C GLU C 88 -28.18 43.49 -4.50
N ASP C 89 -28.25 43.30 -3.19
CA ASP C 89 -28.19 41.99 -2.56
C ASP C 89 -29.55 41.48 -2.10
N THR C 90 -30.63 42.10 -2.56
CA THR C 90 -31.98 41.73 -2.15
C THR C 90 -32.47 40.48 -2.88
N ALA C 91 -31.70 39.40 -2.72
CA ALA C 91 -31.95 38.16 -3.44
C ALA C 91 -32.13 37.00 -2.48
N MET C 92 -32.89 36.01 -2.92
CA MET C 92 -33.03 34.76 -2.19
C MET C 92 -31.76 33.91 -2.37
N TYR C 93 -31.33 33.26 -1.29
CA TYR C 93 -30.08 32.53 -1.26
C TYR C 93 -30.32 31.03 -1.19
N TYR C 94 -29.55 30.27 -1.96
CA TYR C 94 -29.68 28.82 -2.02
C TYR C 94 -28.35 28.19 -1.64
N CYS C 95 -28.42 27.20 -0.75
CA CYS C 95 -27.26 26.44 -0.29
C CYS C 95 -27.16 25.18 -1.13
N VAL C 96 -26.25 25.17 -2.09
CA VAL C 96 -26.18 24.14 -3.12
C VAL C 96 -25.10 23.14 -2.75
N ARG C 97 -25.46 21.86 -2.80
CA ARG C 97 -24.54 20.78 -2.51
C ARG C 97 -23.66 20.50 -3.74
N SER C 98 -22.47 19.96 -3.50
CA SER C 98 -21.62 19.58 -4.63
C SER C 98 -20.62 18.54 -4.18
N ILE C 99 -20.14 17.74 -5.14
CA ILE C 99 -19.07 16.78 -4.91
C ILE C 99 -18.31 16.61 -6.21
N TYR C 100 -17.01 16.39 -6.12
CA TYR C 100 -16.14 16.41 -7.28
C TYR C 100 -15.22 15.20 -7.29
N TYR C 101 -15.43 14.31 -8.27
CA TYR C 101 -14.51 13.24 -8.60
C TYR C 101 -14.90 12.74 -9.98
N TYR C 102 -14.23 11.69 -10.44
CA TYR C 102 -14.58 11.11 -11.73
C TYR C 102 -15.97 10.53 -11.68
N GLY C 103 -16.84 10.97 -12.59
CA GLY C 103 -18.21 10.53 -12.62
C GLY C 103 -19.12 11.21 -11.62
N SER C 104 -18.60 12.15 -10.84
CA SER C 104 -19.42 12.83 -9.85
C SER C 104 -20.42 13.76 -10.53
N SER C 105 -21.47 14.11 -9.79
CA SER C 105 -22.53 14.99 -10.27
C SER C 105 -22.62 16.19 -9.34
N PRO C 106 -21.93 17.28 -9.66
CA PRO C 106 -22.02 18.49 -8.84
C PRO C 106 -23.40 19.12 -8.94
N PHE C 107 -23.74 19.88 -7.91
CA PHE C 107 -24.98 20.64 -7.86
C PHE C 107 -26.21 19.72 -7.87
N ASP C 108 -26.22 18.79 -6.91
CA ASP C 108 -27.30 17.82 -6.82
C ASP C 108 -28.52 18.40 -6.10
N PHE C 109 -28.34 18.77 -4.83
CA PHE C 109 -29.45 19.18 -3.98
C PHE C 109 -29.36 20.67 -3.67
N TRP C 110 -30.49 21.35 -3.77
CA TRP C 110 -30.60 22.77 -3.48
C TRP C 110 -31.57 22.98 -2.33
N GLY C 111 -31.16 23.75 -1.34
CA GLY C 111 -32.01 24.03 -0.21
C GLY C 111 -33.18 24.93 -0.58
N GLN C 112 -34.15 25.00 0.33
CA GLN C 112 -35.36 25.76 0.07
C GLN C 112 -35.05 27.25 -0.12
N GLY C 113 -34.20 27.81 0.72
CA GLY C 113 -33.79 29.18 0.52
C GLY C 113 -34.44 30.15 1.48
N THR C 114 -33.72 31.22 1.81
CA THR C 114 -34.21 32.29 2.67
C THR C 114 -34.15 33.61 1.91
N THR C 115 -35.17 34.43 2.11
CA THR C 115 -35.28 35.71 1.43
C THR C 115 -34.62 36.80 2.27
N LEU C 116 -33.57 37.41 1.73
CA LEU C 116 -32.88 38.52 2.36
C LEU C 116 -33.19 39.78 1.55
N THR C 117 -33.88 40.73 2.16
CA THR C 117 -34.29 41.96 1.48
C THR C 117 -33.59 43.14 2.11
N VAL C 118 -32.90 43.92 1.29
CA VAL C 118 -32.25 45.15 1.70
C VAL C 118 -33.14 46.32 1.32
N SER C 119 -33.48 47.15 2.31
CA SER C 119 -34.35 48.29 2.04
C SER C 119 -33.62 49.34 1.20
N ALA C 120 -34.40 50.25 0.62
CA ALA C 120 -33.84 51.32 -0.20
C ALA C 120 -33.08 52.33 0.67
N SER C 135 -12.78 41.47 -15.71
CA SER C 135 -13.91 40.56 -15.53
C SER C 135 -14.16 39.75 -16.79
N ALA C 136 -13.19 38.89 -17.14
CA ALA C 136 -13.30 38.04 -18.32
C ALA C 136 -14.03 36.75 -17.96
N ASP C 137 -15.30 36.91 -17.62
CA ASP C 137 -16.16 35.78 -17.29
C ASP C 137 -16.66 35.10 -18.56
N ILE C 138 -17.14 33.87 -18.40
CA ILE C 138 -17.67 33.09 -19.52
C ILE C 138 -19.16 33.33 -19.54
N VAL C 139 -19.58 34.39 -20.24
CA VAL C 139 -20.99 34.74 -20.29
C VAL C 139 -21.76 33.74 -21.12
N MET C 140 -22.88 33.28 -20.61
CA MET C 140 -23.74 32.31 -21.28
C MET C 140 -25.05 32.98 -21.64
N THR C 141 -25.45 32.85 -22.91
CA THR C 141 -26.64 33.51 -23.43
C THR C 141 -27.66 32.47 -23.88
N GLN C 142 -28.90 32.65 -23.47
CA GLN C 142 -29.99 31.79 -23.88
C GLN C 142 -30.96 32.58 -24.76
N ALA C 143 -32.04 31.92 -25.17
CA ALA C 143 -33.06 32.57 -25.97
C ALA C 143 -33.98 33.39 -25.05
N THR C 144 -35.05 33.93 -25.62
CA THR C 144 -36.01 34.67 -24.80
C THR C 144 -36.70 33.72 -23.82
N SER C 145 -37.03 34.26 -22.65
CA SER C 145 -37.65 33.46 -21.62
C SER C 145 -39.15 33.29 -21.87
N SER C 146 -39.51 32.87 -23.09
CA SER C 146 -40.90 32.59 -23.42
C SER C 146 -40.90 31.64 -24.61
N VAL C 147 -41.11 30.36 -24.35
CA VAL C 147 -41.17 29.33 -25.38
C VAL C 147 -42.51 28.60 -25.24
N PRO C 148 -43.47 28.89 -26.10
CA PRO C 148 -44.78 28.21 -26.00
C PRO C 148 -44.71 26.76 -26.44
N VAL C 149 -44.82 25.85 -25.48
CA VAL C 149 -44.79 24.41 -25.74
C VAL C 149 -45.97 23.76 -25.04
N THR C 150 -46.64 22.84 -25.74
CA THR C 150 -47.77 22.08 -25.26
C THR C 150 -47.35 20.67 -24.89
N PRO C 151 -48.06 20.02 -23.98
CA PRO C 151 -47.66 18.67 -23.55
C PRO C 151 -47.67 17.68 -24.70
N GLY C 152 -46.75 16.73 -24.64
CA GLY C 152 -46.62 15.71 -25.64
C GLY C 152 -45.69 16.03 -26.79
N GLU C 153 -45.15 17.24 -26.84
CA GLU C 153 -44.26 17.66 -27.93
C GLU C 153 -42.81 17.61 -27.48
N SER C 154 -41.91 18.07 -28.35
CA SER C 154 -40.49 18.09 -28.07
C SER C 154 -40.00 19.53 -27.98
N VAL C 155 -39.32 19.85 -26.88
CA VAL C 155 -38.79 21.18 -26.64
C VAL C 155 -37.29 21.15 -26.95
N SER C 156 -36.77 22.26 -27.48
CA SER C 156 -35.41 22.31 -28.03
C SER C 156 -34.65 23.51 -27.51
N ILE C 157 -34.60 23.68 -26.20
CA ILE C 157 -33.96 24.86 -25.61
C ILE C 157 -32.49 24.91 -26.04
N SER C 158 -31.99 26.12 -26.25
CA SER C 158 -30.63 26.32 -26.75
C SER C 158 -29.88 27.33 -25.91
N CYS C 159 -28.57 27.17 -25.86
CA CYS C 159 -27.71 28.08 -25.12
C CYS C 159 -26.39 28.23 -25.87
N ARG C 160 -25.71 29.34 -25.61
CA ARG C 160 -24.46 29.67 -26.27
C ARG C 160 -23.45 30.17 -25.26
N SER C 161 -22.19 29.81 -25.44
CA SER C 161 -21.12 30.15 -24.52
C SER C 161 -20.13 31.09 -25.19
N SER C 162 -19.57 32.02 -24.42
CA SER C 162 -18.58 32.93 -24.96
C SER C 162 -17.24 32.24 -25.20
N LYS C 163 -16.97 31.17 -24.47
CA LYS C 163 -15.74 30.40 -24.64
C LYS C 163 -16.08 28.93 -24.79
N SER C 164 -15.29 28.23 -25.57
CA SER C 164 -15.48 26.79 -25.76
C SER C 164 -15.16 26.07 -24.47
N LEU C 165 -16.14 25.34 -23.93
CA LEU C 165 -15.99 24.69 -22.63
C LEU C 165 -15.33 23.32 -22.74
N LEU C 166 -15.00 22.86 -23.94
CA LEU C 166 -14.36 21.57 -24.12
C LEU C 166 -12.92 21.66 -23.65
N HIS C 167 -12.65 21.18 -22.44
CA HIS C 167 -11.29 21.13 -21.94
C HIS C 167 -10.50 20.07 -22.68
N SER C 168 -9.17 20.08 -22.47
CA SER C 168 -8.32 19.08 -23.09
C SER C 168 -8.63 17.67 -22.60
N ASN C 169 -9.28 17.56 -21.42
CA ASN C 169 -9.66 16.24 -20.92
C ASN C 169 -10.66 15.56 -21.85
N GLY C 170 -11.66 16.31 -22.32
CA GLY C 170 -12.69 15.75 -23.16
C GLY C 170 -14.08 16.00 -22.60
N ASN C 171 -14.17 16.85 -21.58
CA ASN C 171 -15.42 17.16 -20.91
C ASN C 171 -15.82 18.59 -21.24
N THR C 172 -17.08 18.77 -21.62
CA THR C 172 -17.67 20.10 -21.78
C THR C 172 -18.43 20.40 -20.50
N TYR C 173 -17.87 21.26 -19.66
CA TYR C 173 -18.42 21.51 -18.33
C TYR C 173 -19.65 22.40 -18.45
N LEU C 174 -20.74 21.78 -18.91
CA LEU C 174 -22.03 22.43 -19.05
C LEU C 174 -23.05 21.74 -18.15
N TYR C 175 -23.92 22.54 -17.54
CA TYR C 175 -24.97 22.02 -16.67
C TYR C 175 -26.30 22.67 -17.04
N TRP C 176 -27.35 21.85 -17.14
CA TRP C 176 -28.70 22.32 -17.36
C TRP C 176 -29.54 21.99 -16.14
N PHE C 177 -30.15 23.02 -15.56
CA PHE C 177 -30.99 22.94 -14.37
C PHE C 177 -32.43 23.31 -14.73
N LEU C 178 -33.36 22.84 -13.89
CA LEU C 178 -34.77 23.20 -13.99
C LEU C 178 -35.21 23.79 -12.67
N GLN C 179 -36.06 24.82 -12.73
CA GLN C 179 -36.65 25.42 -11.55
C GLN C 179 -38.15 25.55 -11.77
N ARG C 180 -38.91 24.75 -11.03
CA ARG C 180 -40.36 24.87 -11.05
C ARG C 180 -40.77 26.13 -10.29
N PRO C 181 -41.99 26.62 -10.50
CA PRO C 181 -42.43 27.84 -9.79
C PRO C 181 -42.43 27.70 -8.29
N GLY C 182 -42.21 26.50 -7.76
CA GLY C 182 -42.18 26.28 -6.32
C GLY C 182 -40.78 26.16 -5.77
N GLN C 183 -40.32 24.92 -5.62
CA GLN C 183 -39.11 24.64 -4.87
C GLN C 183 -37.86 25.12 -5.62
N SER C 184 -36.70 24.83 -5.04
CA SER C 184 -35.43 25.27 -5.56
C SER C 184 -35.07 24.51 -6.83
N PRO C 185 -34.14 25.04 -7.63
CA PRO C 185 -33.76 24.35 -8.86
C PRO C 185 -33.13 22.99 -8.58
N GLN C 186 -33.32 22.07 -9.53
CA GLN C 186 -32.75 20.73 -9.44
C GLN C 186 -31.97 20.45 -10.72
N LEU C 187 -30.96 19.60 -10.58
CA LEU C 187 -30.09 19.28 -11.70
C LEU C 187 -30.81 18.39 -12.70
N LEU C 188 -30.68 18.72 -13.98
CA LEU C 188 -31.21 17.88 -15.04
C LEU C 188 -30.12 17.14 -15.79
N ILE C 189 -29.16 17.86 -16.38
CA ILE C 189 -28.05 17.20 -17.05
C ILE C 189 -26.75 17.91 -16.68
N TYR C 190 -25.67 17.14 -16.61
CA TYR C 190 -24.35 17.68 -16.32
C TYR C 190 -23.37 17.20 -17.39
N ARG C 191 -22.45 18.09 -17.78
CA ARG C 191 -21.47 17.84 -18.83
C ARG C 191 -22.14 17.59 -20.18
N MET C 192 -23.30 18.20 -20.34
CA MET C 192 -24.13 18.33 -21.55
C MET C 192 -24.68 17.00 -22.03
N SER C 193 -24.22 15.89 -21.46
CA SER C 193 -24.64 14.60 -21.98
C SER C 193 -25.13 13.68 -20.88
N ASN C 194 -24.57 13.81 -19.69
CA ASN C 194 -24.90 12.91 -18.60
C ASN C 194 -26.18 13.35 -17.91
N LEU C 195 -27.05 12.39 -17.66
CA LEU C 195 -28.36 12.65 -17.08
C LEU C 195 -28.27 12.56 -15.55
N ALA C 196 -29.14 13.30 -14.87
CA ALA C 196 -29.12 13.34 -13.42
C ALA C 196 -29.59 12.02 -12.83
N SER C 197 -29.52 11.91 -11.51
CA SER C 197 -29.82 10.65 -10.85
C SER C 197 -31.30 10.33 -10.88
N GLY C 198 -32.16 11.34 -10.80
CA GLY C 198 -33.58 11.08 -10.63
C GLY C 198 -34.47 11.53 -11.78
N VAL C 199 -33.94 12.35 -12.68
CA VAL C 199 -34.76 12.90 -13.75
C VAL C 199 -35.04 11.81 -14.79
N PRO C 200 -36.18 11.86 -15.49
CA PRO C 200 -36.48 10.82 -16.48
C PRO C 200 -35.58 10.88 -17.70
N ASP C 201 -35.71 9.90 -18.59
CA ASP C 201 -34.87 9.84 -19.78
C ASP C 201 -35.39 10.70 -20.92
N ARG C 202 -36.52 11.39 -20.72
CA ARG C 202 -37.04 12.27 -21.77
C ARG C 202 -36.08 13.41 -22.09
N PHE C 203 -35.30 13.84 -21.11
CA PHE C 203 -34.33 14.90 -21.32
C PHE C 203 -33.08 14.36 -22.00
N SER C 204 -32.49 15.21 -22.84
CA SER C 204 -31.22 14.88 -23.46
C SER C 204 -30.47 16.17 -23.74
N GLY C 205 -29.15 16.06 -23.89
CA GLY C 205 -28.34 17.21 -24.23
C GLY C 205 -27.35 16.93 -25.33
N SER C 206 -27.22 17.84 -26.28
CA SER C 206 -26.30 17.69 -27.39
C SER C 206 -25.55 19.00 -27.61
N GLY C 207 -24.23 18.93 -27.74
CA GLY C 207 -23.46 20.13 -27.89
C GLY C 207 -22.26 19.92 -28.79
N SER C 208 -21.62 21.03 -29.15
CA SER C 208 -20.44 21.00 -29.99
C SER C 208 -19.25 21.75 -29.40
N GLY C 209 -19.41 22.37 -28.23
CA GLY C 209 -18.36 23.13 -27.58
C GLY C 209 -18.69 24.59 -27.38
N THR C 210 -19.51 25.15 -28.26
CA THR C 210 -19.96 26.53 -28.16
C THR C 210 -21.46 26.67 -28.06
N ALA C 211 -22.21 25.92 -28.85
CA ALA C 211 -23.67 25.95 -28.83
C ALA C 211 -24.19 24.61 -28.31
N PHE C 212 -25.15 24.67 -27.39
CA PHE C 212 -25.67 23.47 -26.74
C PHE C 212 -27.19 23.49 -26.81
N THR C 213 -27.77 22.30 -26.84
CA THR C 213 -29.22 22.14 -26.94
C THR C 213 -29.70 21.11 -25.93
N LEU C 214 -30.67 21.50 -25.12
CA LEU C 214 -31.39 20.60 -24.24
C LEU C 214 -32.73 20.26 -24.88
N THR C 215 -32.93 18.98 -25.19
CA THR C 215 -34.10 18.50 -25.89
C THR C 215 -34.96 17.65 -24.96
N ILE C 216 -36.21 18.02 -24.83
CA ILE C 216 -37.21 17.22 -24.12
C ILE C 216 -38.05 16.52 -25.18
N SER C 217 -37.84 15.22 -25.33
CA SER C 217 -38.53 14.45 -26.36
C SER C 217 -40.01 14.27 -26.07
N ARG C 218 -40.45 14.57 -24.85
CA ARG C 218 -41.86 14.43 -24.49
C ARG C 218 -42.13 15.35 -23.31
N LEU C 219 -43.12 16.22 -23.45
CA LEU C 219 -43.42 17.23 -22.45
C LEU C 219 -44.59 16.80 -21.59
N GLU C 220 -44.46 17.00 -20.28
CA GLU C 220 -45.50 16.72 -19.31
C GLU C 220 -45.82 18.01 -18.54
N ALA C 221 -46.79 17.90 -17.63
CA ALA C 221 -47.22 19.06 -16.86
C ALA C 221 -46.22 19.44 -15.77
N GLU C 222 -45.35 18.52 -15.37
CA GLU C 222 -44.38 18.78 -14.31
C GLU C 222 -43.07 19.37 -14.84
N ASP C 223 -42.93 19.51 -16.15
CA ASP C 223 -41.73 20.10 -16.73
C ASP C 223 -41.86 21.60 -16.95
N VAL C 224 -42.99 22.20 -16.55
CA VAL C 224 -43.14 23.65 -16.64
C VAL C 224 -42.23 24.32 -15.63
N GLY C 225 -41.55 25.38 -16.05
CA GLY C 225 -40.65 26.09 -15.18
C GLY C 225 -39.68 26.92 -16.00
N VAL C 226 -38.57 27.27 -15.36
CA VAL C 226 -37.50 28.04 -15.99
C VAL C 226 -36.25 27.20 -16.04
N TYR C 227 -35.61 27.15 -17.20
CA TYR C 227 -34.45 26.30 -17.44
C TYR C 227 -33.19 27.16 -17.41
N TYR C 228 -32.23 26.75 -16.59
CA TYR C 228 -31.04 27.55 -16.36
C TYR C 228 -29.79 26.83 -16.84
N CYS C 229 -28.81 27.62 -17.25
CA CYS C 229 -27.54 27.15 -17.77
C CYS C 229 -26.43 27.33 -16.73
N MET C 230 -25.36 26.55 -16.91
CA MET C 230 -24.16 26.68 -16.09
C MET C 230 -22.93 26.28 -16.88
N GLN C 231 -21.87 27.05 -16.71
CA GLN C 231 -20.53 26.65 -17.11
C GLN C 231 -19.72 26.35 -15.86
N HIS C 232 -18.77 25.44 -15.99
CA HIS C 232 -17.91 25.09 -14.86
C HIS C 232 -16.45 24.98 -15.26
N LEU C 233 -16.08 25.56 -16.40
CA LEU C 233 -14.68 25.49 -16.83
C LEU C 233 -13.77 26.22 -15.86
N GLU C 234 -14.19 27.41 -15.42
CA GLU C 234 -13.38 28.18 -14.49
C GLU C 234 -14.29 29.10 -13.68
N TYR C 235 -13.86 29.41 -12.47
CA TYR C 235 -14.59 30.34 -11.62
C TYR C 235 -14.34 31.77 -12.09
N PRO C 236 -15.33 32.67 -11.93
CA PRO C 236 -16.66 32.43 -11.35
C PRO C 236 -17.59 31.66 -12.27
N LEU C 237 -18.70 31.19 -11.74
CA LEU C 237 -19.65 30.37 -12.48
C LEU C 237 -20.79 31.25 -12.97
N THR C 238 -20.97 31.31 -14.29
CA THR C 238 -21.98 32.15 -14.90
C THR C 238 -23.21 31.32 -15.26
N PHE C 239 -24.38 31.89 -14.98
CA PHE C 239 -25.65 31.18 -15.08
C PHE C 239 -26.35 31.42 -16.41
N GLY C 240 -26.73 32.65 -16.69
CA GLY C 240 -27.56 32.98 -17.83
C GLY C 240 -28.96 33.40 -17.40
N ALA C 241 -29.64 34.05 -18.34
CA ALA C 241 -30.96 34.62 -18.03
C ALA C 241 -31.97 33.53 -17.71
N GLY C 242 -31.94 32.43 -18.44
CA GLY C 242 -32.89 31.36 -18.22
C GLY C 242 -34.05 31.36 -19.18
N THR C 243 -34.38 30.20 -19.74
CA THR C 243 -35.46 30.07 -20.70
C THR C 243 -36.67 29.45 -20.02
N LYS C 244 -37.82 30.11 -20.15
CA LYS C 244 -39.03 29.71 -19.45
C LYS C 244 -39.99 28.99 -20.39
N LEU C 245 -40.61 27.92 -19.88
CA LEU C 245 -41.64 27.18 -20.61
C LEU C 245 -42.99 27.49 -19.98
N GLU C 246 -43.96 27.84 -20.83
CA GLU C 246 -45.31 28.17 -20.39
C GLU C 246 -46.31 27.21 -21.01
N LEU C 247 -47.36 26.90 -20.27
CA LEU C 247 -48.40 25.98 -20.74
C LEU C 247 -49.56 26.75 -21.37
N THR D 6 -23.87 -46.92 3.46
CA THR D 6 -22.65 -46.33 4.00
C THR D 6 -22.60 -44.83 3.69
N ALA D 7 -22.00 -44.06 4.60
CA ALA D 7 -21.87 -42.63 4.36
C ALA D 7 -20.93 -42.34 3.19
N SER D 8 -19.86 -43.14 3.05
CA SER D 8 -18.88 -42.89 2.00
C SER D 8 -19.43 -43.20 0.62
N ILE D 9 -20.27 -44.25 0.50
CA ILE D 9 -20.79 -44.62 -0.80
C ILE D 9 -21.73 -43.54 -1.33
N ALA D 10 -22.38 -42.79 -0.45
CA ALA D 10 -23.25 -41.70 -0.89
C ALA D 10 -22.44 -40.64 -1.63
N GLN D 11 -21.27 -40.27 -1.10
CA GLN D 11 -20.41 -39.34 -1.80
C GLN D 11 -19.76 -39.98 -3.03
N ALA D 12 -19.48 -41.27 -2.95
CA ALA D 12 -18.82 -41.96 -4.06
C ALA D 12 -19.74 -42.03 -5.28
N ARG D 13 -21.04 -42.26 -5.06
CA ARG D 13 -21.99 -42.40 -6.16
C ARG D 13 -22.28 -41.08 -6.86
N LYS D 14 -21.91 -39.95 -6.27
CA LYS D 14 -22.03 -38.67 -6.99
C LYS D 14 -20.93 -38.51 -8.02
N LEU D 15 -19.72 -38.99 -7.70
CA LEU D 15 -18.59 -38.85 -8.62
C LEU D 15 -18.80 -39.65 -9.89
N VAL D 16 -19.36 -40.86 -9.79
CA VAL D 16 -19.60 -41.67 -10.98
C VAL D 16 -20.62 -41.00 -11.88
N GLU D 17 -21.68 -40.42 -11.29
CA GLU D 17 -22.67 -39.71 -12.09
C GLU D 17 -22.05 -38.48 -12.76
N GLN D 18 -21.22 -37.74 -12.03
CA GLN D 18 -20.59 -36.56 -12.61
C GLN D 18 -19.65 -36.93 -13.75
N LEU D 19 -18.87 -37.99 -13.58
CA LEU D 19 -17.99 -38.43 -14.64
C LEU D 19 -18.77 -38.96 -15.84
N LYS D 20 -19.91 -39.61 -15.61
CA LYS D 20 -20.76 -40.05 -16.71
C LYS D 20 -21.30 -38.85 -17.48
N MET D 21 -21.71 -37.80 -16.76
CA MET D 21 -22.19 -36.59 -17.43
C MET D 21 -21.07 -35.91 -18.22
N GLU D 22 -19.86 -35.88 -17.67
CA GLU D 22 -18.76 -35.23 -18.35
C GLU D 22 -18.28 -36.02 -19.56
N ALA D 23 -18.35 -37.35 -19.49
CA ALA D 23 -17.86 -38.19 -20.58
C ALA D 23 -18.70 -38.05 -21.83
N ASN D 24 -20.02 -37.87 -21.67
CA ASN D 24 -20.91 -37.76 -22.82
C ASN D 24 -20.91 -36.35 -23.39
N ILE D 25 -19.73 -35.84 -23.72
CA ILE D 25 -19.58 -34.50 -24.29
C ILE D 25 -18.77 -34.62 -25.58
N ASP D 26 -19.30 -34.04 -26.65
CA ASP D 26 -18.58 -34.05 -27.92
C ASP D 26 -17.37 -33.14 -27.86
N ARG D 27 -16.22 -33.66 -28.27
CA ARG D 27 -14.96 -32.93 -28.22
C ARG D 27 -14.41 -32.78 -29.63
N ILE D 28 -14.05 -31.55 -29.99
CA ILE D 28 -13.53 -31.28 -31.33
C ILE D 28 -12.04 -31.57 -31.36
N LYS D 29 -11.51 -31.73 -32.57
CA LYS D 29 -10.09 -31.98 -32.75
C LYS D 29 -9.28 -30.77 -32.31
N VAL D 30 -8.07 -31.03 -31.81
CA VAL D 30 -7.21 -29.95 -31.34
C VAL D 30 -6.79 -29.06 -32.49
N SER D 31 -6.71 -29.61 -33.71
CA SER D 31 -6.35 -28.80 -34.87
C SER D 31 -7.41 -27.73 -35.13
N LYS D 32 -8.69 -28.10 -35.05
CA LYS D 32 -9.76 -27.13 -35.30
C LYS D 32 -9.77 -26.04 -34.24
N ALA D 33 -9.63 -26.42 -32.97
CA ALA D 33 -9.62 -25.42 -31.90
C ALA D 33 -8.40 -24.51 -32.03
N ALA D 34 -7.25 -25.07 -32.38
CA ALA D 34 -6.05 -24.26 -32.58
C ALA D 34 -6.24 -23.28 -33.74
N ALA D 35 -6.85 -23.75 -34.83
CA ALA D 35 -7.09 -22.87 -35.97
C ALA D 35 -8.03 -21.74 -35.59
N ASP D 36 -9.11 -22.04 -34.86
CA ASP D 36 -10.04 -21.00 -34.45
C ASP D 36 -9.38 -20.00 -33.50
N LEU D 37 -8.56 -20.50 -32.56
CA LEU D 37 -7.89 -19.61 -31.62
C LEU D 37 -6.91 -18.69 -32.35
N MET D 38 -6.13 -19.25 -33.28
CA MET D 38 -5.20 -18.44 -34.05
C MET D 38 -5.94 -17.45 -34.94
N ALA D 39 -7.09 -17.85 -35.47
CA ALA D 39 -7.89 -16.93 -36.28
C ALA D 39 -8.37 -15.75 -35.45
N TYR D 40 -8.84 -16.02 -34.23
CA TYR D 40 -9.24 -14.92 -33.36
C TYR D 40 -8.06 -14.00 -33.04
N CYS D 41 -6.89 -14.60 -32.76
CA CYS D 41 -5.73 -13.78 -32.42
C CYS D 41 -5.30 -12.91 -33.59
N GLU D 42 -5.30 -13.46 -34.80
CA GLU D 42 -4.86 -12.70 -35.97
C GLU D 42 -5.89 -11.70 -36.44
N ALA D 43 -7.18 -11.97 -36.23
CA ALA D 43 -8.22 -11.08 -36.69
C ALA D 43 -8.20 -9.76 -35.92
N HIS D 44 -8.34 -9.83 -34.60
CA HIS D 44 -8.31 -8.63 -33.77
C HIS D 44 -6.90 -8.32 -33.29
N ALA D 45 -5.95 -8.30 -34.23
CA ALA D 45 -4.56 -7.98 -33.90
C ALA D 45 -4.30 -6.48 -33.88
N LYS D 46 -5.01 -5.71 -34.70
CA LYS D 46 -4.83 -4.27 -34.72
C LYS D 46 -5.36 -3.62 -33.46
N GLU D 47 -6.47 -4.12 -32.92
CA GLU D 47 -7.09 -3.53 -31.73
C GLU D 47 -6.47 -4.05 -30.44
N ASP D 48 -5.15 -3.90 -30.34
CA ASP D 48 -4.43 -4.33 -29.14
C ASP D 48 -3.28 -3.35 -28.90
N PRO D 49 -3.44 -2.41 -27.97
CA PRO D 49 -2.36 -1.47 -27.67
C PRO D 49 -1.11 -2.14 -27.12
N LEU D 50 -1.23 -3.34 -26.56
CA LEU D 50 -0.06 -4.01 -26.00
C LEU D 50 0.83 -4.61 -27.09
N LEU D 51 0.24 -5.11 -28.17
CA LEU D 51 1.03 -5.64 -29.27
C LEU D 51 1.81 -4.52 -29.97
N THR D 52 1.09 -3.57 -30.56
CA THR D 52 1.72 -2.44 -31.23
C THR D 52 1.71 -1.24 -30.31
N PRO D 53 2.86 -0.70 -29.92
CA PRO D 53 2.86 0.46 -29.01
C PRO D 53 2.13 1.65 -29.61
N VAL D 54 1.00 2.02 -28.99
CA VAL D 54 0.20 3.13 -29.50
C VAL D 54 1.01 4.41 -29.40
N PRO D 55 1.01 5.27 -30.42
CA PRO D 55 1.83 6.49 -30.36
C PRO D 55 1.40 7.40 -29.23
N ALA D 56 2.35 8.19 -28.73
CA ALA D 56 2.08 9.04 -27.58
C ALA D 56 1.30 10.27 -28.00
N SER D 57 0.20 10.04 -28.73
CA SER D 57 -0.75 11.09 -29.06
C SER D 57 -2.20 10.62 -28.92
N GLU D 58 -2.45 9.33 -28.80
CA GLU D 58 -3.79 8.80 -28.63
C GLU D 58 -3.89 7.71 -27.57
N ASN D 59 -2.81 7.45 -26.83
CA ASN D 59 -2.92 6.59 -25.66
C ASN D 59 -3.00 7.44 -24.39
N PRO D 60 -3.91 7.12 -23.47
CA PRO D 60 -4.15 8.01 -22.33
C PRO D 60 -3.16 7.86 -21.18
N PHE D 61 -2.03 7.20 -21.38
CA PHE D 61 -1.03 7.01 -20.34
C PHE D 61 0.30 7.60 -20.76
N ARG D 62 0.27 8.80 -21.33
CA ARG D 62 1.50 9.47 -21.73
C ARG D 62 2.16 10.15 -20.53
N GLU D 63 3.41 10.58 -20.74
CA GLU D 63 4.20 11.25 -19.71
C GLU D 63 4.33 10.40 -18.45
N GLU E 8 -20.53 -53.41 -4.10
CA GLU E 8 -19.54 -53.31 -3.04
C GLU E 8 -19.19 -51.85 -2.76
N LEU E 9 -18.52 -51.61 -1.63
CA LEU E 9 -18.12 -50.26 -1.27
C LEU E 9 -17.02 -49.74 -2.18
N ASP E 10 -16.14 -50.61 -2.66
CA ASP E 10 -15.08 -50.25 -3.58
C ASP E 10 -15.42 -50.60 -5.03
N GLN E 11 -16.64 -51.10 -5.27
CA GLN E 11 -17.00 -51.55 -6.61
C GLN E 11 -17.03 -50.40 -7.60
N LEU E 12 -17.70 -49.29 -7.24
CA LEU E 12 -17.85 -48.19 -8.17
C LEU E 12 -16.57 -47.39 -8.34
N ARG E 13 -15.56 -47.60 -7.47
CA ARG E 13 -14.27 -46.97 -7.70
C ARG E 13 -13.65 -47.46 -8.99
N GLN E 14 -13.79 -48.76 -9.26
CA GLN E 14 -13.31 -49.30 -10.54
C GLN E 14 -14.08 -48.69 -11.71
N GLU E 15 -15.38 -48.48 -11.55
CA GLU E 15 -16.16 -47.85 -12.61
C GLU E 15 -15.70 -46.41 -12.85
N ALA E 16 -15.42 -45.67 -11.77
CA ALA E 16 -14.91 -44.32 -11.91
C ALA E 16 -13.55 -44.30 -12.60
N GLU E 17 -12.68 -45.26 -12.26
CA GLU E 17 -11.39 -45.36 -12.92
C GLU E 17 -11.55 -45.69 -14.40
N GLN E 18 -12.50 -46.56 -14.72
CA GLN E 18 -12.78 -46.87 -16.12
C GLN E 18 -13.26 -45.64 -16.87
N LEU E 19 -14.13 -44.85 -16.24
CA LEU E 19 -14.60 -43.62 -16.87
C LEU E 19 -13.46 -42.63 -17.07
N LYS E 20 -12.55 -42.54 -16.10
CA LYS E 20 -11.39 -41.65 -16.25
C LYS E 20 -10.50 -42.11 -17.40
N ASN E 21 -10.28 -43.43 -17.51
CA ASN E 21 -9.50 -43.94 -18.63
C ASN E 21 -10.20 -43.66 -19.95
N GLN E 22 -11.53 -43.78 -19.98
CA GLN E 22 -12.28 -43.51 -21.20
C GLN E 22 -12.18 -42.05 -21.62
N ILE E 23 -12.29 -41.12 -20.66
CA ILE E 23 -12.17 -39.71 -21.03
C ILE E 23 -10.74 -39.38 -21.43
N ARG E 24 -9.75 -40.00 -20.81
CA ARG E 24 -8.37 -39.79 -21.24
C ARG E 24 -8.16 -40.28 -22.67
N ASP E 25 -8.71 -41.46 -22.99
CA ASP E 25 -8.59 -41.98 -24.35
C ASP E 25 -9.32 -41.08 -25.35
N ALA E 26 -10.47 -40.53 -24.96
CA ALA E 26 -11.17 -39.58 -25.83
C ALA E 26 -10.33 -38.33 -26.07
N ARG E 27 -9.70 -37.81 -25.02
CA ARG E 27 -8.82 -36.65 -25.18
C ARG E 27 -7.66 -36.97 -26.11
N LYS E 28 -7.06 -38.15 -25.97
CA LYS E 28 -5.98 -38.53 -26.87
C LYS E 28 -6.47 -38.66 -28.30
N ALA E 29 -7.64 -39.24 -28.50
CA ALA E 29 -8.19 -39.39 -29.84
C ALA E 29 -8.44 -38.03 -30.49
N CYS E 30 -8.94 -37.07 -29.71
CA CYS E 30 -9.12 -35.73 -30.24
C CYS E 30 -7.79 -34.98 -30.39
N ALA E 31 -6.70 -35.52 -29.86
CA ALA E 31 -5.39 -34.87 -29.95
C ALA E 31 -4.71 -35.33 -31.24
N ASP E 32 -4.69 -34.45 -32.24
CA ASP E 32 -4.03 -34.74 -33.50
C ASP E 32 -2.74 -33.95 -33.68
N ALA E 33 -2.72 -32.68 -33.30
CA ALA E 33 -1.52 -31.86 -33.42
C ALA E 33 -1.54 -30.81 -32.31
N THR E 34 -0.35 -30.52 -31.78
CA THR E 34 -0.22 -29.55 -30.70
C THR E 34 -0.33 -28.13 -31.24
N LEU E 35 -0.46 -27.18 -30.31
CA LEU E 35 -0.58 -25.78 -30.70
C LEU E 35 0.71 -25.26 -31.34
N SER E 36 1.87 -25.77 -30.90
CA SER E 36 3.12 -25.36 -31.51
C SER E 36 3.18 -25.78 -32.98
N GLN E 37 2.73 -27.00 -33.28
CA GLN E 37 2.74 -27.48 -34.66
C GLN E 37 1.80 -26.67 -35.55
N ILE E 38 0.79 -26.03 -34.98
CA ILE E 38 -0.17 -25.27 -35.78
C ILE E 38 0.27 -23.82 -35.92
N THR E 39 0.85 -23.24 -34.88
CA THR E 39 1.25 -21.83 -34.90
C THR E 39 2.75 -21.65 -35.15
N ASN E 40 3.45 -22.70 -35.58
CA ASN E 40 4.88 -22.56 -35.86
C ASN E 40 5.15 -21.66 -37.06
N ASN E 41 4.16 -21.45 -37.93
CA ASN E 41 4.31 -20.61 -39.11
C ASN E 41 3.72 -19.22 -38.93
N ILE E 42 3.80 -18.69 -37.72
CA ILE E 42 3.26 -17.36 -37.40
C ILE E 42 4.39 -16.48 -36.89
N ASP E 43 4.45 -15.26 -37.40
CA ASP E 43 5.55 -14.37 -37.07
C ASP E 43 5.54 -14.03 -35.58
N PRO E 44 6.70 -13.83 -34.96
CA PRO E 44 6.74 -13.51 -33.54
C PRO E 44 6.19 -12.12 -33.25
N VAL E 45 5.75 -11.94 -32.01
CA VAL E 45 5.22 -10.65 -31.58
C VAL E 45 6.28 -9.58 -31.45
N GLY E 46 7.55 -9.97 -31.43
CA GLY E 46 8.62 -9.02 -31.23
C GLY E 46 8.99 -8.86 -29.76
N ARG E 47 9.98 -8.01 -29.53
CA ARG E 47 10.49 -7.77 -28.19
C ARG E 47 9.69 -6.62 -27.58
N ILE E 48 8.90 -6.92 -26.56
CA ILE E 48 7.88 -6.01 -26.04
C ILE E 48 8.46 -5.26 -24.84
N GLN E 49 8.34 -3.94 -24.86
CA GLN E 49 8.75 -3.08 -23.76
C GLN E 49 7.57 -2.25 -23.29
N MET E 50 7.31 -2.26 -21.99
CA MET E 50 6.34 -1.38 -21.37
C MET E 50 6.98 -0.72 -20.15
N ARG E 51 6.57 0.51 -19.87
CA ARG E 51 7.09 1.26 -18.75
C ARG E 51 5.96 1.66 -17.82
N THR E 52 6.30 1.91 -16.55
CA THR E 52 5.30 2.31 -15.58
C THR E 52 4.86 3.73 -15.90
N ARG E 53 3.81 3.87 -16.69
CA ARG E 53 3.34 5.20 -17.05
C ARG E 53 2.87 5.96 -15.82
N ARG E 54 2.12 5.30 -14.94
CA ARG E 54 1.71 5.89 -13.68
C ARG E 54 1.79 4.84 -12.59
N THR E 55 2.44 5.18 -11.49
CA THR E 55 2.52 4.32 -10.31
C THR E 55 1.64 4.90 -9.22
N LEU E 56 0.86 4.04 -8.57
CA LEU E 56 -0.19 4.47 -7.66
C LEU E 56 0.26 4.19 -6.23
N ARG E 57 0.63 5.25 -5.52
CA ARG E 57 1.02 5.16 -4.12
C ARG E 57 -0.14 5.52 -3.22
N GLY E 58 -0.13 4.98 -2.00
CA GLY E 58 -1.13 5.33 -1.03
C GLY E 58 -1.55 4.18 -0.13
N HIS E 59 -1.32 2.96 -0.57
CA HIS E 59 -1.64 1.80 0.24
C HIS E 59 -0.62 1.65 1.37
N LEU E 60 -1.10 1.14 2.50
CA LEU E 60 -0.27 1.01 3.69
C LEU E 60 0.37 -0.36 3.81
N ALA E 61 -0.32 -1.40 3.36
CA ALA E 61 0.18 -2.77 3.46
C ALA E 61 0.18 -3.44 2.09
N LYS E 62 0.39 -4.75 2.07
CA LYS E 62 0.44 -5.47 0.81
C LYS E 62 -0.91 -5.44 0.10
N ILE E 63 -0.86 -5.18 -1.20
CA ILE E 63 -2.04 -5.19 -2.04
C ILE E 63 -2.28 -6.62 -2.51
N TYR E 64 -3.49 -7.14 -2.32
CA TYR E 64 -3.80 -8.45 -2.84
C TYR E 64 -4.62 -8.43 -4.13
N ALA E 65 -5.73 -7.71 -4.15
CA ALA E 65 -6.66 -7.82 -5.25
C ALA E 65 -6.87 -6.47 -5.93
N MET E 66 -7.21 -6.55 -7.21
CA MET E 66 -7.59 -5.39 -8.00
C MET E 66 -8.62 -5.83 -9.04
N HIS E 67 -9.29 -4.86 -9.64
CA HIS E 67 -10.18 -5.14 -10.76
C HIS E 67 -10.46 -3.84 -11.49
N TRP E 68 -10.18 -3.81 -12.79
CA TRP E 68 -10.54 -2.66 -13.60
C TRP E 68 -12.05 -2.57 -13.74
N GLY E 69 -12.54 -1.35 -13.90
CA GLY E 69 -13.92 -1.15 -14.24
C GLY E 69 -14.17 -1.33 -15.73
N THR E 70 -15.45 -1.27 -16.09
CA THR E 70 -15.81 -1.39 -17.51
C THR E 70 -15.28 -0.20 -18.30
N ASP E 71 -15.32 1.00 -17.71
CA ASP E 71 -14.88 2.21 -18.39
C ASP E 71 -13.38 2.23 -18.67
N SER E 72 -12.62 1.30 -18.08
CA SER E 72 -11.18 1.19 -18.29
C SER E 72 -10.43 2.40 -17.77
N ARG E 73 -10.98 3.07 -16.78
CA ARG E 73 -10.32 4.20 -16.14
C ARG E 73 -10.25 4.08 -14.63
N LEU E 74 -11.28 3.53 -14.00
CA LEU E 74 -11.33 3.40 -12.56
C LEU E 74 -10.80 2.03 -12.14
N LEU E 75 -10.00 2.01 -11.07
CA LEU E 75 -9.29 0.81 -10.63
C LEU E 75 -9.45 0.68 -9.13
N VAL E 76 -10.11 -0.38 -8.67
CA VAL E 76 -10.29 -0.61 -7.25
C VAL E 76 -9.23 -1.60 -6.78
N SER E 77 -8.56 -1.27 -5.67
CA SER E 77 -7.49 -2.10 -5.15
C SER E 77 -7.69 -2.34 -3.65
N ALA E 78 -7.35 -3.55 -3.22
CA ALA E 78 -7.59 -4.01 -1.86
C ALA E 78 -6.27 -4.27 -1.16
N SER E 79 -6.13 -3.76 0.06
CA SER E 79 -4.90 -3.92 0.82
C SER E 79 -5.20 -4.44 2.22
N GLN E 80 -4.15 -4.96 2.87
CA GLN E 80 -4.29 -5.58 4.19
C GLN E 80 -4.53 -4.58 5.31
N ASP E 81 -4.33 -3.28 5.08
CA ASP E 81 -4.69 -2.32 6.11
C ASP E 81 -6.19 -2.22 6.31
N GLY E 82 -6.98 -2.83 5.43
CA GLY E 82 -8.42 -2.81 5.52
C GLY E 82 -9.01 -1.73 4.64
N LYS E 83 -8.45 -1.54 3.45
CA LYS E 83 -8.85 -0.44 2.60
C LYS E 83 -8.97 -0.87 1.14
N LEU E 84 -10.04 -0.40 0.52
CA LEU E 84 -10.20 -0.42 -0.94
C LEU E 84 -10.07 1.00 -1.45
N ILE E 85 -9.06 1.26 -2.25
CA ILE E 85 -8.86 2.57 -2.86
C ILE E 85 -9.26 2.49 -4.32
N ILE E 86 -10.10 3.41 -4.76
CA ILE E 86 -10.50 3.53 -6.15
C ILE E 86 -9.67 4.64 -6.78
N TRP E 87 -8.89 4.27 -7.79
CA TRP E 87 -7.94 5.15 -8.43
C TRP E 87 -8.43 5.55 -9.81
N ASP E 88 -8.25 6.82 -10.13
CA ASP E 88 -8.39 7.33 -11.50
C ASP E 88 -7.03 7.15 -12.16
N SER E 89 -6.88 6.05 -12.92
CA SER E 89 -5.57 5.68 -13.43
C SER E 89 -5.00 6.73 -14.37
N TYR E 90 -5.85 7.48 -15.07
CA TYR E 90 -5.36 8.48 -16.00
C TYR E 90 -4.68 9.63 -15.25
N THR E 91 -5.23 10.04 -14.11
CA THR E 91 -4.75 11.20 -13.39
C THR E 91 -4.07 10.86 -12.07
N THR E 92 -4.00 9.58 -11.70
CA THR E 92 -3.39 9.14 -10.44
C THR E 92 -4.01 9.87 -9.25
N ASN E 93 -5.32 9.69 -9.12
CA ASN E 93 -6.09 10.28 -8.04
C ASN E 93 -6.77 9.17 -7.25
N LYS E 94 -7.39 9.55 -6.14
CA LYS E 94 -8.11 8.63 -5.28
C LYS E 94 -9.56 9.06 -5.24
N VAL E 95 -10.42 8.35 -5.98
CA VAL E 95 -11.84 8.68 -6.01
C VAL E 95 -12.49 8.35 -4.68
N HIS E 96 -12.18 7.18 -4.13
CA HIS E 96 -12.77 6.72 -2.88
C HIS E 96 -11.73 5.94 -2.09
N ALA E 97 -11.85 6.02 -0.76
CA ALA E 97 -11.00 5.26 0.16
C ALA E 97 -11.93 4.56 1.15
N ILE E 98 -12.41 3.39 0.78
CA ILE E 98 -13.37 2.64 1.58
C ILE E 98 -12.63 1.90 2.68
N PRO E 99 -12.95 2.15 3.95
CA PRO E 99 -12.36 1.36 5.03
C PRO E 99 -13.16 0.10 5.33
N LEU E 100 -12.49 -1.04 5.36
CA LEU E 100 -13.16 -2.32 5.52
C LEU E 100 -13.30 -2.69 7.00
N ARG E 101 -14.23 -3.60 7.28
CA ARG E 101 -14.38 -4.13 8.63
C ARG E 101 -13.25 -5.11 8.98
N SER E 102 -12.90 -5.99 8.06
CA SER E 102 -11.84 -6.96 8.28
C SER E 102 -10.60 -6.51 7.53
N SER E 103 -9.48 -6.41 8.25
CA SER E 103 -8.25 -5.94 7.64
C SER E 103 -7.76 -6.90 6.56
N TRP E 104 -7.98 -8.21 6.75
CA TRP E 104 -7.49 -9.21 5.82
C TRP E 104 -8.50 -9.41 4.70
N VAL E 105 -8.17 -8.92 3.51
CA VAL E 105 -9.01 -9.02 2.34
C VAL E 105 -8.21 -9.69 1.23
N MET E 106 -8.81 -10.70 0.61
CA MET E 106 -8.17 -11.46 -0.46
C MET E 106 -8.66 -11.08 -1.84
N THR E 107 -9.92 -10.68 -1.99
CA THR E 107 -10.54 -10.46 -3.27
C THR E 107 -11.17 -9.08 -3.33
N CYS E 108 -11.21 -8.52 -4.53
CA CYS E 108 -11.85 -7.23 -4.77
C CYS E 108 -12.43 -7.24 -6.17
N ALA E 109 -13.65 -6.77 -6.30
CA ALA E 109 -14.37 -6.77 -7.58
C ALA E 109 -14.88 -5.38 -7.88
N TYR E 110 -15.24 -5.17 -9.15
CA TYR E 110 -15.83 -3.92 -9.59
C TYR E 110 -16.96 -4.28 -10.55
N ALA E 111 -18.18 -3.86 -10.21
CA ALA E 111 -19.33 -4.22 -11.01
C ALA E 111 -19.25 -3.57 -12.39
N PRO E 112 -19.79 -4.23 -13.43
CA PRO E 112 -19.77 -3.63 -14.76
C PRO E 112 -20.47 -2.29 -14.85
N SER E 113 -21.55 -2.10 -14.09
CA SER E 113 -22.24 -0.82 -14.06
C SER E 113 -21.48 0.25 -13.28
N GLY E 114 -20.48 -0.14 -12.49
CA GLY E 114 -19.71 0.81 -11.72
C GLY E 114 -20.39 1.30 -10.47
N ASN E 115 -21.48 0.66 -10.04
CA ASN E 115 -22.21 1.13 -8.86
C ASN E 115 -21.76 0.45 -7.57
N TYR E 116 -21.20 -0.75 -7.65
CA TYR E 116 -20.85 -1.51 -6.47
C TYR E 116 -19.43 -2.04 -6.57
N VAL E 117 -18.78 -2.16 -5.41
CA VAL E 117 -17.50 -2.85 -5.28
C VAL E 117 -17.65 -3.93 -4.24
N ALA E 118 -17.19 -5.14 -4.55
CA ALA E 118 -17.30 -6.27 -3.65
C ALA E 118 -15.94 -6.60 -3.07
N CYS E 119 -15.87 -6.72 -1.75
CA CYS E 119 -14.67 -7.13 -1.05
C CYS E 119 -14.96 -8.39 -0.27
N GLY E 120 -13.91 -9.14 0.03
CA GLY E 120 -14.06 -10.36 0.80
C GLY E 120 -12.71 -10.91 1.19
N GLY E 121 -12.71 -11.67 2.28
CA GLY E 121 -11.47 -12.20 2.78
C GLY E 121 -11.65 -13.31 3.78
N LEU E 122 -10.84 -13.28 4.83
CA LEU E 122 -10.87 -14.31 5.86
C LEU E 122 -12.06 -14.13 6.81
N ASP E 123 -12.90 -13.13 6.59
CA ASP E 123 -14.07 -12.93 7.43
C ASP E 123 -15.27 -13.77 6.99
N ASN E 124 -15.13 -14.55 5.92
CA ASN E 124 -16.20 -15.37 5.35
C ASN E 124 -17.37 -14.53 4.87
N ILE E 125 -17.15 -13.23 4.65
CA ILE E 125 -18.22 -12.30 4.29
C ILE E 125 -17.86 -11.66 2.96
N CYS E 126 -18.82 -11.62 2.04
CA CYS E 126 -18.69 -10.85 0.80
C CYS E 126 -19.44 -9.55 1.01
N SER E 127 -18.71 -8.47 1.28
CA SER E 127 -19.31 -7.18 1.56
C SER E 127 -19.46 -6.42 0.24
N ILE E 128 -20.67 -5.96 -0.04
CA ILE E 128 -20.94 -5.21 -1.26
C ILE E 128 -21.15 -3.75 -0.88
N TYR E 129 -20.37 -2.86 -1.47
CA TYR E 129 -20.38 -1.45 -1.15
C TYR E 129 -20.98 -0.68 -2.31
N ASN E 130 -21.99 0.14 -2.01
CA ASN E 130 -22.68 0.95 -3.01
C ASN E 130 -21.88 2.23 -3.22
N LEU E 131 -21.25 2.35 -4.39
CA LEU E 131 -20.43 3.54 -4.67
C LEU E 131 -21.30 4.77 -4.87
N LYS E 132 -22.35 4.65 -5.67
CA LYS E 132 -23.18 5.79 -6.05
C LYS E 132 -24.42 5.81 -5.15
N THR E 133 -24.39 6.70 -4.17
CA THR E 133 -25.45 6.81 -3.18
C THR E 133 -25.78 8.30 -3.00
N ARG E 134 -27.02 8.57 -2.58
CA ARG E 134 -27.42 9.95 -2.32
C ARG E 134 -26.47 10.60 -1.32
N GLU E 135 -26.21 9.94 -0.21
CA GLU E 135 -25.07 10.30 0.63
C GLU E 135 -23.79 9.92 -0.10
N GLY E 136 -22.80 10.81 -0.06
CA GLY E 136 -21.58 10.56 -0.82
C GLY E 136 -20.70 9.48 -0.27
N ASN E 137 -20.84 9.16 1.02
CA ASN E 137 -20.03 8.11 1.60
C ASN E 137 -20.42 6.76 1.02
N VAL E 138 -19.43 5.90 0.80
CA VAL E 138 -19.69 4.56 0.32
C VAL E 138 -20.07 3.68 1.51
N ARG E 139 -21.34 3.29 1.56
CA ARG E 139 -21.86 2.46 2.63
C ARG E 139 -22.03 1.04 2.12
N VAL E 140 -21.83 0.07 3.03
CA VAL E 140 -21.95 -1.33 2.63
C VAL E 140 -23.40 -1.63 2.31
N SER E 141 -23.63 -2.18 1.10
CA SER E 141 -24.99 -2.47 0.68
C SER E 141 -25.52 -3.69 1.42
N ARG E 142 -24.82 -4.82 1.32
CA ARG E 142 -25.20 -6.00 2.07
C ARG E 142 -23.98 -6.91 2.24
N GLU E 143 -23.96 -7.61 3.39
CA GLU E 143 -22.86 -8.47 3.79
C GLU E 143 -23.28 -9.92 3.55
N LEU E 144 -23.00 -10.41 2.36
CA LEU E 144 -23.32 -11.78 2.00
C LEU E 144 -22.58 -12.76 2.90
N ALA E 145 -23.35 -13.60 3.59
CA ALA E 145 -22.81 -14.58 4.52
C ALA E 145 -23.37 -15.96 4.17
N GLY E 146 -22.60 -16.99 4.49
CA GLY E 146 -23.01 -18.35 4.15
C GLY E 146 -21.85 -19.19 3.65
N HIS E 147 -20.65 -18.61 3.68
CA HIS E 147 -19.44 -19.31 3.30
C HIS E 147 -18.69 -19.72 4.56
N THR E 148 -18.25 -20.98 4.61
CA THR E 148 -17.51 -21.50 5.75
C THR E 148 -15.99 -21.47 5.51
N GLY E 149 -15.52 -20.50 4.76
CA GLY E 149 -14.10 -20.40 4.47
C GLY E 149 -13.77 -19.07 3.83
N TYR E 150 -12.48 -18.77 3.81
CA TYR E 150 -12.01 -17.48 3.28
C TYR E 150 -12.43 -17.33 1.83
N LEU E 151 -12.96 -16.15 1.49
CA LEU E 151 -13.34 -15.87 0.12
C LEU E 151 -12.09 -15.59 -0.70
N SER E 152 -11.95 -16.29 -1.83
CA SER E 152 -10.77 -16.15 -2.68
C SER E 152 -11.00 -15.22 -3.86
N CYS E 153 -12.17 -15.28 -4.50
CA CYS E 153 -12.41 -14.41 -5.65
C CYS E 153 -13.90 -14.09 -5.74
N CYS E 154 -14.24 -12.81 -5.65
CA CYS E 154 -15.59 -12.34 -5.88
C CYS E 154 -15.63 -11.67 -7.25
N ARG E 155 -16.60 -12.05 -8.07
CA ARG E 155 -16.76 -11.49 -9.39
C ARG E 155 -18.23 -11.15 -9.61
N PHE E 156 -18.46 -10.10 -10.39
CA PHE E 156 -19.79 -9.57 -10.61
C PHE E 156 -20.36 -10.10 -11.92
N LEU E 157 -21.58 -10.63 -11.86
CA LEU E 157 -22.33 -10.96 -13.06
C LEU E 157 -23.10 -9.73 -13.55
N ASP E 158 -23.96 -9.20 -12.69
CA ASP E 158 -24.66 -7.95 -12.93
C ASP E 158 -24.75 -7.22 -11.59
N ASP E 159 -25.63 -6.21 -11.52
CA ASP E 159 -25.77 -5.47 -10.27
C ASP E 159 -26.49 -6.26 -9.19
N ASN E 160 -27.07 -7.41 -9.51
CA ASN E 160 -27.86 -8.17 -8.56
C ASN E 160 -27.37 -9.60 -8.36
N GLN E 161 -26.33 -10.02 -9.06
CA GLN E 161 -25.77 -11.36 -8.92
C GLN E 161 -24.27 -11.28 -8.75
N ILE E 162 -23.71 -12.20 -7.98
CA ILE E 162 -22.27 -12.22 -7.74
C ILE E 162 -21.81 -13.64 -7.47
N VAL E 163 -20.73 -14.04 -8.13
CA VAL E 163 -20.14 -15.37 -7.97
C VAL E 163 -18.92 -15.28 -7.08
N THR E 164 -18.88 -16.11 -6.04
CA THR E 164 -17.82 -16.06 -5.05
C THR E 164 -17.20 -17.43 -4.90
N SER E 165 -15.87 -17.49 -5.04
CA SER E 165 -15.09 -18.69 -4.80
C SER E 165 -14.36 -18.53 -3.48
N SER E 166 -14.58 -19.46 -2.56
CA SER E 166 -14.15 -19.33 -1.18
C SER E 166 -13.18 -20.45 -0.81
N GLY E 167 -12.81 -20.48 0.47
CA GLY E 167 -11.85 -21.41 1.02
C GLY E 167 -12.37 -22.78 1.34
N ASP E 168 -13.66 -23.02 1.16
CA ASP E 168 -14.20 -24.37 1.21
C ASP E 168 -14.24 -24.92 -0.21
N THR E 169 -14.60 -26.20 -0.32
CA THR E 169 -14.62 -26.81 -1.64
C THR E 169 -15.92 -26.49 -2.37
N THR E 170 -16.28 -25.21 -2.41
CA THR E 170 -17.53 -24.77 -3.02
C THR E 170 -17.34 -23.40 -3.66
N CYS E 171 -18.13 -23.15 -4.70
CA CYS E 171 -18.37 -21.81 -5.21
C CYS E 171 -19.85 -21.49 -5.02
N ALA E 172 -20.18 -20.20 -4.97
CA ALA E 172 -21.54 -19.82 -4.66
C ALA E 172 -21.98 -18.64 -5.52
N LEU E 173 -23.15 -18.77 -6.16
CA LEU E 173 -23.77 -17.67 -6.87
C LEU E 173 -24.85 -17.08 -5.99
N TRP E 174 -24.72 -15.79 -5.68
CA TRP E 174 -25.60 -15.08 -4.77
C TRP E 174 -26.44 -14.06 -5.53
N ASP E 175 -27.70 -13.96 -5.12
CA ASP E 175 -28.58 -12.85 -5.50
C ASP E 175 -28.42 -11.81 -4.40
N ILE E 176 -27.92 -10.62 -4.78
CA ILE E 176 -27.58 -9.62 -3.78
C ILE E 176 -28.82 -9.14 -3.04
N GLU E 177 -29.91 -8.88 -3.77
CA GLU E 177 -31.09 -8.29 -3.15
C GLU E 177 -31.66 -9.20 -2.06
N THR E 178 -31.79 -10.49 -2.35
CA THR E 178 -32.33 -11.42 -1.35
C THR E 178 -31.31 -11.70 -0.25
N GLY E 179 -30.02 -11.70 -0.58
CA GLY E 179 -28.99 -11.94 0.42
C GLY E 179 -28.69 -13.40 0.69
N GLN E 180 -29.22 -14.31 -0.12
CA GLN E 180 -29.00 -15.74 0.08
C GLN E 180 -28.42 -16.37 -1.19
N GLN E 181 -27.76 -17.50 -1.00
CA GLN E 181 -27.11 -18.22 -2.09
C GLN E 181 -28.13 -18.66 -3.13
N THR E 182 -28.07 -18.07 -4.33
CA THR E 182 -28.94 -18.54 -5.40
C THR E 182 -28.62 -19.98 -5.78
N THR E 183 -27.34 -20.31 -5.88
CA THR E 183 -26.97 -21.69 -6.15
C THR E 183 -25.57 -21.94 -5.60
N THR E 184 -25.28 -23.23 -5.37
CA THR E 184 -23.99 -23.66 -4.82
C THR E 184 -23.39 -24.70 -5.75
N PHE E 185 -22.16 -24.44 -6.20
CA PHE E 185 -21.42 -25.34 -7.05
C PHE E 185 -20.45 -26.14 -6.19
N THR E 186 -20.64 -27.45 -6.17
CA THR E 186 -19.80 -28.36 -5.39
C THR E 186 -19.23 -29.41 -6.33
N GLY E 187 -18.09 -29.97 -5.93
CA GLY E 187 -17.43 -30.96 -6.75
C GLY E 187 -15.92 -30.86 -6.66
N HIS E 188 -15.43 -29.79 -6.04
CA HIS E 188 -14.02 -29.68 -5.74
C HIS E 188 -13.68 -30.47 -4.47
N THR E 189 -12.44 -30.92 -4.38
CA THR E 189 -11.94 -31.56 -3.18
C THR E 189 -10.89 -30.70 -2.47
N GLY E 190 -10.86 -29.40 -2.75
CA GLY E 190 -9.98 -28.48 -2.08
C GLY E 190 -10.51 -27.07 -2.19
N ASP E 191 -9.83 -26.15 -1.55
CA ASP E 191 -10.25 -24.75 -1.55
C ASP E 191 -10.04 -24.13 -2.93
N VAL E 192 -11.03 -23.37 -3.38
CA VAL E 192 -10.96 -22.65 -4.64
C VAL E 192 -10.23 -21.35 -4.41
N MET E 193 -9.24 -21.06 -5.25
CA MET E 193 -8.39 -19.90 -5.06
C MET E 193 -8.55 -18.83 -6.13
N SER E 194 -9.20 -19.12 -7.25
CA SER E 194 -9.38 -18.12 -8.30
C SER E 194 -10.64 -18.43 -9.07
N LEU E 195 -11.16 -17.41 -9.77
CA LEU E 195 -12.40 -17.54 -10.51
C LEU E 195 -12.39 -16.53 -11.65
N SER E 196 -12.86 -16.96 -12.82
CA SER E 196 -12.98 -16.10 -13.98
C SER E 196 -14.29 -16.37 -14.69
N LEU E 197 -14.96 -15.31 -15.13
CA LEU E 197 -16.24 -15.42 -15.81
C LEU E 197 -16.05 -15.25 -17.30
N ALA E 198 -16.72 -16.10 -18.08
CA ALA E 198 -16.66 -16.01 -19.53
C ALA E 198 -17.33 -14.72 -19.99
N PRO E 199 -16.92 -14.19 -21.15
CA PRO E 199 -17.52 -12.94 -21.62
C PRO E 199 -19.02 -13.01 -21.83
N ASP E 200 -19.56 -14.19 -22.14
CA ASP E 200 -20.99 -14.35 -22.40
C ASP E 200 -21.81 -14.52 -21.13
N THR E 201 -21.27 -14.13 -19.97
CA THR E 201 -21.94 -14.12 -18.67
C THR E 201 -22.77 -15.37 -18.41
N ARG E 202 -22.34 -16.50 -18.92
CA ARG E 202 -23.08 -17.76 -18.79
C ARG E 202 -22.25 -18.90 -18.23
N LEU E 203 -20.93 -18.93 -18.44
CA LEU E 203 -20.07 -19.96 -17.92
C LEU E 203 -18.98 -19.31 -17.08
N PHE E 204 -18.37 -20.09 -16.20
CA PHE E 204 -17.21 -19.60 -15.45
C PHE E 204 -16.34 -20.76 -15.02
N VAL E 205 -15.03 -20.56 -15.07
CA VAL E 205 -14.05 -21.56 -14.66
C VAL E 205 -13.52 -21.19 -13.28
N SER E 206 -13.43 -22.19 -12.41
CA SER E 206 -12.89 -22.02 -11.07
C SER E 206 -11.67 -22.92 -10.92
N GLY E 207 -10.59 -22.36 -10.39
CA GLY E 207 -9.37 -23.10 -10.12
C GLY E 207 -9.18 -23.28 -8.62
N ALA E 208 -8.94 -24.51 -8.21
CA ALA E 208 -8.80 -24.86 -6.81
C ALA E 208 -7.40 -25.41 -6.56
N CYS E 209 -7.16 -25.81 -5.31
CA CYS E 209 -5.89 -26.36 -4.89
C CYS E 209 -5.76 -27.84 -5.20
N ASP E 210 -6.60 -28.35 -6.09
CA ASP E 210 -6.61 -29.74 -6.50
C ASP E 210 -5.75 -30.00 -7.73
N ALA E 211 -5.03 -28.98 -8.22
CA ALA E 211 -4.38 -29.02 -9.51
C ALA E 211 -5.40 -29.31 -10.62
N SER E 212 -6.59 -28.73 -10.48
CA SER E 212 -7.67 -28.93 -11.43
C SER E 212 -8.50 -27.66 -11.55
N ALA E 213 -8.99 -27.40 -12.76
CA ALA E 213 -9.87 -26.28 -13.03
C ALA E 213 -11.18 -26.81 -13.58
N LYS E 214 -12.29 -26.39 -12.99
CA LYS E 214 -13.60 -26.90 -13.36
C LYS E 214 -14.43 -25.80 -13.99
N LEU E 215 -15.11 -26.13 -15.10
CA LEU E 215 -15.96 -25.20 -15.81
C LEU E 215 -17.41 -25.44 -15.42
N TRP E 216 -18.05 -24.43 -14.84
CA TRP E 216 -19.41 -24.53 -14.37
C TRP E 216 -20.34 -23.83 -15.35
N ASP E 217 -21.64 -23.87 -15.05
CA ASP E 217 -22.66 -23.20 -15.86
C ASP E 217 -23.66 -22.59 -14.90
N VAL E 218 -23.77 -21.26 -14.91
CA VAL E 218 -24.68 -20.65 -13.95
C VAL E 218 -26.08 -20.58 -14.55
N ARG E 219 -26.73 -21.74 -14.63
CA ARG E 219 -28.17 -21.84 -14.80
C ARG E 219 -28.78 -22.96 -13.98
N GLU E 220 -28.03 -24.00 -13.63
CA GLU E 220 -28.51 -25.10 -12.81
C GLU E 220 -27.51 -25.41 -11.71
N GLY E 221 -26.25 -25.09 -11.96
CA GLY E 221 -25.22 -25.24 -10.96
C GLY E 221 -24.40 -26.50 -11.01
N MET E 222 -24.37 -27.20 -12.14
CA MET E 222 -23.61 -28.43 -12.28
C MET E 222 -22.44 -28.20 -13.24
N CYS E 223 -21.30 -28.80 -12.92
CA CYS E 223 -20.10 -28.59 -13.70
C CYS E 223 -20.21 -29.27 -15.05
N ARG E 224 -19.60 -28.65 -16.06
CA ARG E 224 -19.58 -29.20 -17.41
C ARG E 224 -18.37 -30.09 -17.63
N GLN E 225 -17.16 -29.53 -17.47
CA GLN E 225 -15.93 -30.25 -17.72
C GLN E 225 -14.94 -29.95 -16.60
N THR E 226 -13.96 -30.84 -16.46
CA THR E 226 -12.86 -30.66 -15.53
C THR E 226 -11.54 -30.86 -16.27
N PHE E 227 -10.57 -30.01 -15.96
CA PHE E 227 -9.26 -30.05 -16.61
C PHE E 227 -8.20 -30.26 -15.54
N THR E 228 -7.44 -31.35 -15.68
CA THR E 228 -6.42 -31.73 -14.71
C THR E 228 -5.11 -31.88 -15.45
N GLY E 229 -4.24 -30.87 -15.36
CA GLY E 229 -2.95 -30.96 -15.99
C GLY E 229 -1.82 -30.45 -15.13
N HIS E 230 -2.17 -29.88 -13.98
CA HIS E 230 -1.18 -29.27 -13.11
C HIS E 230 -0.73 -30.25 -12.04
N GLU E 231 0.36 -29.89 -11.36
CA GLU E 231 0.86 -30.66 -10.24
C GLU E 231 0.62 -29.98 -8.90
N SER E 232 0.79 -28.67 -8.82
CA SER E 232 0.56 -27.92 -7.60
C SER E 232 -0.79 -27.22 -7.66
N ASP E 233 -1.05 -26.38 -6.67
CA ASP E 233 -2.31 -25.68 -6.58
C ASP E 233 -2.43 -24.62 -7.67
N ILE E 234 -3.66 -24.18 -7.91
CA ILE E 234 -3.98 -23.17 -8.91
C ILE E 234 -4.31 -21.87 -8.19
N ASN E 235 -3.61 -20.80 -8.55
CA ASN E 235 -3.81 -19.50 -7.91
C ASN E 235 -4.49 -18.49 -8.82
N ALA E 236 -4.37 -18.62 -10.13
CA ALA E 236 -4.94 -17.67 -11.07
C ALA E 236 -5.67 -18.41 -12.17
N ILE E 237 -6.69 -17.76 -12.73
CA ILE E 237 -7.44 -18.31 -13.84
C ILE E 237 -8.02 -17.14 -14.63
N CYS E 238 -8.12 -17.30 -15.95
CA CYS E 238 -8.57 -16.23 -16.81
C CYS E 238 -9.02 -16.81 -18.14
N PHE E 239 -10.25 -16.49 -18.54
CA PHE E 239 -10.74 -16.88 -19.86
C PHE E 239 -10.02 -16.13 -20.97
N PHE E 240 -9.92 -16.78 -22.12
CA PHE E 240 -9.52 -16.10 -23.34
C PHE E 240 -10.58 -15.07 -23.71
N PRO E 241 -10.19 -13.99 -24.38
CA PRO E 241 -11.21 -13.04 -24.86
C PRO E 241 -12.23 -13.66 -25.78
N ASN E 242 -11.85 -14.70 -26.52
CA ASN E 242 -12.81 -15.41 -27.37
C ASN E 242 -13.92 -16.02 -26.52
N GLY E 243 -13.55 -16.63 -25.40
CA GLY E 243 -14.51 -17.31 -24.55
C GLY E 243 -14.52 -18.81 -24.67
N ASN E 244 -13.63 -19.39 -25.48
CA ASN E 244 -13.56 -20.84 -25.66
C ASN E 244 -12.23 -21.42 -25.19
N ALA E 245 -11.43 -20.64 -24.46
CA ALA E 245 -10.19 -21.12 -23.90
C ALA E 245 -9.92 -20.34 -22.62
N PHE E 246 -9.11 -20.92 -21.73
CA PHE E 246 -8.78 -20.23 -20.51
C PHE E 246 -7.38 -20.62 -20.03
N ALA E 247 -6.72 -19.68 -19.37
CA ALA E 247 -5.40 -19.88 -18.82
C ALA E 247 -5.48 -20.20 -17.34
N THR E 248 -4.39 -20.74 -16.82
CA THR E 248 -4.34 -21.20 -15.44
C THR E 248 -2.94 -20.99 -14.90
N GLY E 249 -2.82 -20.26 -13.80
CA GLY E 249 -1.55 -20.01 -13.14
C GLY E 249 -1.41 -20.90 -11.92
N SER E 250 -0.23 -21.48 -11.74
CA SER E 250 0.00 -22.41 -10.64
C SER E 250 1.29 -22.10 -9.90
N ASP E 251 1.62 -22.91 -8.92
CA ASP E 251 2.89 -22.81 -8.21
C ASP E 251 3.94 -23.76 -8.77
N ASP E 252 3.63 -24.45 -9.87
CA ASP E 252 4.59 -25.25 -10.61
C ASP E 252 5.50 -24.43 -11.49
N ALA E 253 5.44 -23.10 -11.39
CA ALA E 253 6.14 -22.19 -12.29
C ALA E 253 5.71 -22.42 -13.74
N THR E 254 4.48 -22.89 -13.93
CA THR E 254 3.92 -23.17 -15.24
C THR E 254 2.57 -22.49 -15.38
N CYS E 255 2.34 -21.88 -16.54
CA CYS E 255 1.02 -21.33 -16.89
C CYS E 255 0.45 -22.17 -18.03
N ARG E 256 -0.75 -22.68 -17.84
CA ARG E 256 -1.32 -23.66 -18.75
C ARG E 256 -2.55 -23.10 -19.44
N LEU E 257 -2.57 -23.13 -20.76
CA LEU E 257 -3.73 -22.71 -21.54
C LEU E 257 -4.48 -23.95 -22.01
N PHE E 258 -5.75 -24.04 -21.60
CA PHE E 258 -6.68 -25.10 -21.94
C PHE E 258 -7.75 -24.55 -22.87
N ASP E 259 -8.44 -25.46 -23.56
CA ASP E 259 -9.56 -25.07 -24.42
C ASP E 259 -10.81 -25.86 -24.05
N LEU E 260 -11.96 -25.19 -24.13
CA LEU E 260 -13.22 -25.80 -23.72
C LEU E 260 -13.75 -26.77 -24.76
N ARG E 261 -13.58 -26.45 -26.05
CA ARG E 261 -14.18 -27.28 -27.09
C ARG E 261 -13.48 -28.63 -27.22
N ALA E 262 -12.17 -28.68 -27.00
CA ALA E 262 -11.43 -29.93 -27.08
C ALA E 262 -11.28 -30.63 -25.74
N ASP E 263 -11.57 -29.96 -24.64
CA ASP E 263 -11.48 -30.54 -23.30
C ASP E 263 -10.09 -31.13 -23.05
N GLN E 264 -9.06 -30.32 -23.33
CA GLN E 264 -7.71 -30.85 -23.32
C GLN E 264 -6.71 -29.71 -23.16
N GLU E 265 -5.57 -30.04 -22.55
CA GLU E 265 -4.43 -29.13 -22.49
C GLU E 265 -4.04 -28.67 -23.89
N LEU E 266 -3.88 -27.35 -24.06
CA LEU E 266 -3.37 -26.82 -25.32
C LEU E 266 -1.88 -26.53 -25.24
N MET E 267 -1.47 -25.68 -24.29
CA MET E 267 -0.08 -25.29 -24.26
C MET E 267 0.37 -25.01 -22.84
N THR E 268 1.66 -25.20 -22.59
CA THR E 268 2.28 -24.92 -21.30
C THR E 268 3.39 -23.90 -21.47
N TYR E 269 3.41 -22.90 -20.60
CA TYR E 269 4.44 -21.88 -20.57
C TYR E 269 5.28 -22.09 -19.31
N SER E 270 6.55 -22.44 -19.50
CA SER E 270 7.45 -22.67 -18.38
C SER E 270 8.87 -22.61 -18.91
N HIS E 271 9.68 -21.71 -18.36
CA HIS E 271 11.07 -21.58 -18.74
C HIS E 271 11.95 -22.19 -17.65
N ASP E 272 13.19 -22.52 -18.04
CA ASP E 272 14.07 -23.26 -17.15
C ASP E 272 14.40 -22.46 -15.88
N ASN E 273 14.69 -21.17 -16.03
CA ASN E 273 15.12 -20.35 -14.91
C ASN E 273 13.96 -19.76 -14.12
N ILE E 274 12.76 -20.31 -14.26
CA ILE E 274 11.60 -19.90 -13.49
C ILE E 274 11.22 -21.06 -12.58
N ILE E 275 11.34 -20.86 -11.28
CA ILE E 275 11.02 -21.90 -10.31
C ILE E 275 10.04 -21.34 -9.30
N CYS E 276 9.53 -20.15 -9.56
CA CYS E 276 8.58 -19.49 -8.68
C CYS E 276 7.17 -19.62 -9.24
N GLY E 277 6.20 -19.61 -8.34
CA GLY E 277 4.82 -19.76 -8.74
C GLY E 277 4.26 -18.53 -9.41
N ILE E 278 3.03 -18.68 -9.92
CA ILE E 278 2.31 -17.61 -10.61
C ILE E 278 1.16 -17.16 -9.74
N THR E 279 1.04 -15.85 -9.52
CA THR E 279 0.02 -15.31 -8.65
C THR E 279 -1.15 -14.68 -9.38
N SER E 280 -0.97 -14.30 -10.65
CA SER E 280 -2.08 -13.72 -11.41
C SER E 280 -1.79 -13.89 -12.89
N VAL E 281 -2.82 -14.27 -13.66
CA VAL E 281 -2.73 -14.43 -15.10
C VAL E 281 -3.86 -13.64 -15.74
N SER E 282 -3.52 -12.86 -16.77
CA SER E 282 -4.53 -12.14 -17.53
C SER E 282 -4.15 -12.12 -19.00
N PHE E 283 -5.14 -12.34 -19.85
CA PHE E 283 -4.93 -12.26 -21.29
C PHE E 283 -4.98 -10.80 -21.74
N SER E 284 -4.43 -10.55 -22.92
CA SER E 284 -4.57 -9.24 -23.55
C SER E 284 -5.89 -9.18 -24.30
N LYS E 285 -6.20 -8.03 -24.88
CA LYS E 285 -7.46 -7.88 -25.60
C LYS E 285 -7.52 -8.80 -26.81
N SER E 286 -6.41 -8.91 -27.54
CA SER E 286 -6.35 -9.83 -28.67
C SER E 286 -6.08 -11.26 -28.25
N GLY E 287 -5.68 -11.50 -27.00
CA GLY E 287 -5.40 -12.83 -26.52
C GLY E 287 -4.02 -13.35 -26.88
N ARG E 288 -3.22 -12.57 -27.60
CA ARG E 288 -1.88 -13.01 -27.97
C ARG E 288 -0.90 -12.93 -26.80
N LEU E 289 -1.10 -11.97 -25.90
CA LEU E 289 -0.20 -11.74 -24.78
C LEU E 289 -0.83 -12.28 -23.51
N LEU E 290 -0.14 -13.19 -22.84
CA LEU E 290 -0.56 -13.75 -21.56
C LEU E 290 0.37 -13.18 -20.50
N LEU E 291 -0.14 -12.27 -19.67
CA LEU E 291 0.67 -11.61 -18.67
C LEU E 291 0.50 -12.35 -17.35
N ALA E 292 1.61 -12.85 -16.81
CA ALA E 292 1.61 -13.61 -15.57
C ALA E 292 2.56 -12.95 -14.58
N GLY E 293 2.05 -12.60 -13.41
CA GLY E 293 2.85 -11.97 -12.39
C GLY E 293 3.42 -12.98 -11.42
N TYR E 294 4.73 -13.18 -11.42
CA TYR E 294 5.31 -14.27 -10.67
C TYR E 294 5.70 -13.78 -9.26
N ASP E 295 6.29 -14.69 -8.48
CA ASP E 295 6.74 -14.38 -7.14
C ASP E 295 8.13 -13.75 -7.09
N ASP E 296 8.89 -13.83 -8.18
CA ASP E 296 10.23 -13.26 -8.20
C ASP E 296 10.21 -11.79 -8.64
N PHE E 297 9.35 -11.02 -7.99
CA PHE E 297 9.37 -9.56 -8.03
C PHE E 297 9.05 -8.98 -9.40
N ASN E 298 8.50 -9.77 -10.32
CA ASN E 298 8.33 -9.26 -11.68
C ASN E 298 7.18 -9.98 -12.37
N CYS E 299 6.94 -9.58 -13.62
CA CYS E 299 5.90 -10.14 -14.47
C CYS E 299 6.51 -10.56 -15.80
N ASN E 300 5.87 -11.54 -16.43
CA ASN E 300 6.33 -12.03 -17.72
C ASN E 300 5.18 -12.03 -18.70
N VAL E 301 5.45 -11.56 -19.92
CA VAL E 301 4.44 -11.48 -20.95
C VAL E 301 4.69 -12.55 -22.01
N TRP E 302 4.06 -13.70 -21.84
CA TRP E 302 4.25 -14.81 -22.75
C TRP E 302 3.45 -14.61 -24.03
N ASP E 303 3.99 -15.14 -25.12
CA ASP E 303 3.25 -15.21 -26.38
C ASP E 303 2.30 -16.40 -26.30
N ALA E 304 0.99 -16.12 -26.33
CA ALA E 304 0.00 -17.17 -26.09
C ALA E 304 -0.06 -18.20 -27.19
N LEU E 305 0.60 -17.97 -28.33
CA LEU E 305 0.58 -18.93 -29.42
C LEU E 305 1.96 -19.47 -29.77
N LYS E 306 2.99 -19.16 -28.99
CA LYS E 306 4.34 -19.67 -29.25
C LYS E 306 5.07 -20.17 -28.02
N ALA E 307 4.54 -19.96 -26.82
CA ALA E 307 5.19 -20.38 -25.57
C ALA E 307 6.59 -19.80 -25.44
N ASP E 308 6.74 -18.54 -25.83
CA ASP E 308 8.02 -17.85 -25.78
C ASP E 308 7.92 -16.66 -24.84
N ARG E 309 8.90 -16.52 -23.95
CA ARG E 309 8.92 -15.39 -23.05
C ARG E 309 9.24 -14.13 -23.85
N ALA E 310 8.21 -13.43 -24.30
CA ALA E 310 8.36 -12.30 -25.20
C ALA E 310 8.17 -10.97 -24.48
N GLY E 311 8.64 -10.88 -23.24
CA GLY E 311 8.56 -9.63 -22.52
C GLY E 311 8.65 -9.80 -21.02
N VAL E 312 9.38 -8.91 -20.36
CA VAL E 312 9.53 -8.94 -18.91
C VAL E 312 9.23 -7.55 -18.37
N LEU E 313 8.38 -7.49 -17.35
CA LEU E 313 8.07 -6.25 -16.66
C LEU E 313 8.74 -6.33 -15.29
N ALA E 314 9.61 -5.37 -15.00
CA ALA E 314 10.59 -5.52 -13.93
C ALA E 314 10.16 -4.88 -12.61
N GLY E 315 9.90 -3.58 -12.61
CA GLY E 315 9.84 -2.84 -11.36
C GLY E 315 8.79 -3.27 -10.35
N HIS E 316 9.23 -3.97 -9.32
CA HIS E 316 8.44 -4.31 -8.13
C HIS E 316 9.38 -4.73 -7.01
N ASP E 317 9.12 -4.27 -5.79
CA ASP E 317 9.99 -4.54 -4.66
C ASP E 317 9.59 -5.78 -3.87
N ASN E 318 8.51 -6.45 -4.23
CA ASN E 318 8.05 -7.61 -3.48
C ASN E 318 7.23 -8.50 -4.41
N ARG E 319 6.51 -9.44 -3.81
CA ARG E 319 5.72 -10.42 -4.56
C ARG E 319 4.60 -9.72 -5.31
N VAL E 320 4.49 -10.01 -6.61
CA VAL E 320 3.39 -9.49 -7.42
C VAL E 320 2.14 -10.30 -7.12
N SER E 321 1.08 -9.61 -6.67
CA SER E 321 -0.13 -10.28 -6.21
C SER E 321 -1.26 -10.23 -7.21
N CYS E 322 -1.62 -9.04 -7.69
CA CYS E 322 -2.74 -8.91 -8.62
C CYS E 322 -2.25 -8.37 -9.96
N LEU E 323 -2.92 -8.77 -11.03
CA LEU E 323 -2.54 -8.36 -12.37
C LEU E 323 -3.77 -8.36 -13.26
N GLY E 324 -4.07 -7.21 -13.85
CA GLY E 324 -5.27 -7.10 -14.68
C GLY E 324 -5.15 -6.13 -15.83
N VAL E 325 -5.61 -6.53 -17.01
CA VAL E 325 -5.61 -5.66 -18.17
C VAL E 325 -6.91 -4.88 -18.21
N THR E 326 -6.92 -3.82 -19.01
CA THR E 326 -8.12 -3.03 -19.21
C THR E 326 -9.01 -3.67 -20.26
N ASP E 327 -10.27 -3.23 -20.28
CA ASP E 327 -11.21 -3.76 -21.27
C ASP E 327 -10.82 -3.34 -22.68
N ASP E 328 -10.33 -2.12 -22.86
CA ASP E 328 -9.86 -1.67 -24.16
C ASP E 328 -8.43 -2.10 -24.45
N GLY E 329 -7.77 -2.75 -23.50
CA GLY E 329 -6.43 -3.26 -23.73
C GLY E 329 -5.33 -2.23 -23.72
N MET E 330 -5.60 -1.02 -23.25
CA MET E 330 -4.58 0.02 -23.28
C MET E 330 -3.43 -0.31 -22.34
N ALA E 331 -3.74 -0.64 -21.09
CA ALA E 331 -2.71 -0.80 -20.08
C ALA E 331 -3.00 -2.03 -19.24
N VAL E 332 -1.95 -2.50 -18.56
CA VAL E 332 -2.05 -3.60 -17.61
C VAL E 332 -1.56 -3.10 -16.26
N ALA E 333 -2.33 -3.36 -15.22
CA ALA E 333 -1.98 -2.90 -13.88
C ALA E 333 -1.56 -4.08 -13.02
N THR E 334 -0.39 -3.95 -12.40
CA THR E 334 0.16 -4.97 -11.53
C THR E 334 0.30 -4.39 -10.13
N GLY E 335 -0.31 -5.03 -9.16
CA GLY E 335 -0.20 -4.63 -7.76
C GLY E 335 0.59 -5.68 -6.98
N SER E 336 1.59 -5.20 -6.26
CA SER E 336 2.52 -6.07 -5.56
C SER E 336 2.34 -5.93 -4.05
N TRP E 337 3.15 -6.69 -3.31
CA TRP E 337 3.06 -6.71 -1.86
C TRP E 337 3.74 -5.53 -1.19
N ASP E 338 4.41 -4.68 -1.96
CA ASP E 338 5.02 -3.46 -1.43
C ASP E 338 4.10 -2.25 -1.56
N SER E 339 2.79 -2.47 -1.55
CA SER E 339 1.79 -1.41 -1.57
C SER E 339 1.88 -0.55 -2.82
N PHE E 340 2.33 -1.13 -3.94
CA PHE E 340 2.51 -0.39 -5.17
C PHE E 340 1.65 -1.00 -6.27
N LEU E 341 0.91 -0.14 -6.96
CA LEU E 341 0.22 -0.46 -8.20
C LEU E 341 0.97 0.23 -9.34
N LYS E 342 1.31 -0.53 -10.37
CA LYS E 342 2.01 0.01 -11.53
C LYS E 342 1.16 -0.19 -12.77
N ILE E 343 0.96 0.88 -13.53
CA ILE E 343 0.18 0.86 -14.76
C ILE E 343 1.18 0.82 -15.90
N TRP E 344 1.42 -0.36 -16.46
CA TRP E 344 2.32 -0.51 -17.59
C TRP E 344 1.53 -0.38 -18.88
N ASN E 345 2.18 0.18 -19.90
CA ASN E 345 1.57 0.38 -21.20
C ASN E 345 2.50 -0.06 -22.32
#